data_6G0X
#
_entry.id   6G0X
#
_cell.length_a   74.320
_cell.length_b   74.320
_cell.length_c   174.871
_cell.angle_alpha   90.00
_cell.angle_beta   90.00
_cell.angle_gamma   120.00
#
_symmetry.space_group_name_H-M   'P 3 2 1'
#
loop_
_entity.id
_entity.type
_entity.pdbx_description
1 polymer 'Tail spike protein'
2 branched alpha-L-rhamnopyranose-(1-6)-alpha-D-glucopyranose-(1-4)-[2-acetamido-2-deoxy-beta-D-glucopyranose-(1-3)]alpha-D-galactopyranose-(1-3)-2-acetamido-2-deoxy-beta-D-glucopyranose
3 non-polymer 2-AMINO-2-HYDROXYMETHYL-PROPANE-1,3-DIOL
4 non-polymer 'FORMIC ACID'
5 non-polymer 'SODIUM ION'
6 water water
#
_entity_poly.entity_id   1
_entity_poly.type   'polypeptide(L)'
_entity_poly.pdbx_seq_one_letter_code
;PDQFRAIIESPEGAGHVGYQYRRNTGSTMRMVSDVLDERVSLWDFHCDPSGNVIQPGPNVDSRQYLQAAIDYVSSNGGGT
ITIPAGYTWYLGSYGVGGIAGHSGIIQLRSNVNLNIEGRIHLSPFFDLKPFQVFVGFDNGDPASSGNLENCHIYGHGVVD
FGGYEFGASSQLRNGVAFGRSYNCSVTGITFQNGDVTWAITLGWNGYGSNCYVRKCRFINLVNSSVNADHSTVYVNCPYS
GVESCYFSMSSSFARNIACSVELHQHDTFYRGSTVNGYCRGAYVVMHAAEAAGAGSYAYNMQVENNIAVIYGQFVILGSD
VTATVSGHLNDVIVSGNIVSIGERAAFSAPFGAFIDIGPDNSGASNVQDIQRVLVTGNSFYAPANITDSAAITLRANLNG
CTFIANNFDCRYMVYNAPGTTSPVVQNLVWDKSNVIGGTHANQRAGQNLFDMQFASVVNSTIEVQLSCEDLSMFSCILFP
ASCQLSYSKITVDSAWTKSMSNTAVFEGNQQAGANVYVSYPATVNLTSYNTQGAVPFFSTDTNYAWVTSAYSLSINENLD
FSPPATYTNKANGQLVGVGYNEIGGVRSVSVRLMLQRQV
;
_entity_poly.pdbx_strand_id   A
#
loop_
_chem_comp.id
_chem_comp.type
_chem_comp.name
_chem_comp.formula
FMT non-polymer 'FORMIC ACID' 'C H2 O2'
GLA D-saccharide, alpha linking alpha-D-galactopyranose 'C6 H12 O6'
GLC D-saccharide, alpha linking alpha-D-glucopyranose 'C6 H12 O6'
NA non-polymer 'SODIUM ION' 'Na 1'
NAG D-saccharide, beta linking 2-acetamido-2-deoxy-beta-D-glucopyranose 'C8 H15 N O6'
NDG D-saccharide, alpha linking 2-acetamido-2-deoxy-alpha-D-glucopyranose 'C8 H15 N O6'
RAM L-saccharide, alpha linking alpha-L-rhamnopyranose 'C6 H12 O5'
TRS non-polymer 2-AMINO-2-HYDROXYMETHYL-PROPANE-1,3-DIOL 'C4 H12 N O3 1'
#
# COMPACT_ATOMS: atom_id res chain seq x y z
N PRO A 1 13.19 -16.82 -69.61
CA PRO A 1 13.88 -17.53 -68.49
C PRO A 1 14.99 -16.68 -67.81
N ASP A 2 15.44 -15.61 -68.49
CA ASP A 2 16.28 -14.60 -67.82
C ASP A 2 15.46 -13.88 -66.79
N GLN A 3 14.24 -13.60 -67.26
CA GLN A 3 13.12 -13.11 -66.53
C GLN A 3 12.99 -13.88 -65.24
N PHE A 4 13.02 -15.21 -65.33
CA PHE A 4 12.80 -16.08 -64.16
C PHE A 4 13.88 -15.88 -63.13
N ARG A 5 15.15 -16.07 -63.51
CA ARG A 5 16.26 -15.88 -62.56
C ARG A 5 16.11 -14.52 -61.92
N ALA A 6 15.79 -13.51 -62.73
CA ALA A 6 15.68 -12.13 -62.27
C ALA A 6 14.54 -12.04 -61.25
N ILE A 7 13.40 -12.70 -61.56
CA ILE A 7 12.18 -12.68 -60.65
C ILE A 7 12.56 -13.30 -59.31
N ILE A 8 13.29 -14.41 -59.43
CA ILE A 8 13.64 -15.17 -58.20
C ILE A 8 14.57 -14.38 -57.26
N GLU A 9 15.52 -13.69 -57.83
CA GLU A 9 16.45 -12.88 -57.07
C GLU A 9 15.84 -11.53 -56.63
N SER A 10 14.73 -11.10 -57.26
CA SER A 10 14.08 -9.84 -56.88
C SER A 10 13.37 -9.99 -55.54
N PRO A 11 12.87 -8.88 -55.00
CA PRO A 11 12.11 -8.95 -53.74
C PRO A 11 10.77 -9.71 -53.87
N GLU A 12 10.30 -9.95 -55.11
CA GLU A 12 9.09 -10.75 -55.34
C GLU A 12 9.39 -12.24 -55.55
N GLY A 13 10.64 -12.61 -55.40
CA GLY A 13 11.03 -13.99 -55.67
C GLY A 13 10.36 -15.05 -54.85
N ALA A 14 10.23 -14.82 -53.54
CA ALA A 14 9.57 -15.81 -52.68
C ALA A 14 8.10 -15.99 -53.09
N GLY A 15 7.55 -14.94 -53.67
CA GLY A 15 6.21 -14.96 -54.21
C GLY A 15 5.99 -15.79 -55.47
N HIS A 16 7.08 -16.36 -55.95
CA HIS A 16 7.04 -17.24 -57.10
C HIS A 16 7.42 -18.70 -56.79
N VAL A 17 7.82 -19.00 -55.56
CA VAL A 17 8.22 -20.34 -55.20
C VAL A 17 7.09 -21.05 -54.49
N GLY A 18 6.60 -22.13 -55.09
CA GLY A 18 5.38 -22.74 -54.53
C GLY A 18 5.64 -23.55 -53.28
N TYR A 19 4.59 -23.70 -52.50
CA TYR A 19 4.62 -24.44 -51.26
C TYR A 19 3.27 -24.99 -50.92
N GLN A 20 3.29 -26.24 -50.43
CA GLN A 20 2.09 -26.87 -49.90
C GLN A 20 2.51 -27.60 -48.62
N TYR A 21 1.79 -27.32 -47.52
CA TYR A 21 2.12 -27.83 -46.19
C TYR A 21 2.30 -29.34 -46.16
N ARG A 22 3.49 -29.76 -45.76
CA ARG A 22 3.86 -31.15 -45.55
C ARG A 22 3.48 -32.03 -46.76
N ARG A 23 3.50 -31.45 -47.97
CA ARG A 23 3.13 -32.19 -49.16
C ARG A 23 1.71 -32.73 -49.14
N ASN A 24 0.89 -32.13 -48.28
CA ASN A 24 -0.51 -32.57 -48.20
C ASN A 24 -1.33 -32.11 -49.36
N THR A 25 -1.82 -33.05 -50.15
CA THR A 25 -2.54 -32.60 -51.35
C THR A 25 -3.90 -31.90 -51.01
N GLY A 26 -4.39 -32.04 -49.82
CA GLY A 26 -5.59 -31.25 -49.42
C GLY A 26 -5.29 -29.87 -48.92
N SER A 27 -4.01 -29.49 -48.78
CA SER A 27 -3.63 -28.15 -48.27
C SER A 27 -3.60 -27.14 -49.40
N THR A 28 -3.65 -25.89 -48.95
CA THR A 28 -3.59 -24.75 -49.86
C THR A 28 -2.28 -24.75 -50.66
N MET A 29 -2.41 -24.45 -51.96
CA MET A 29 -1.26 -24.20 -52.84
C MET A 29 -0.89 -22.77 -52.65
N ARG A 30 0.19 -22.54 -51.91
CA ARG A 30 0.61 -21.19 -51.54
C ARG A 30 1.96 -20.92 -52.18
N MET A 31 2.48 -19.73 -51.92
CA MET A 31 3.92 -19.40 -52.24
C MET A 31 4.68 -19.13 -50.95
N VAL A 32 5.98 -19.29 -51.01
CA VAL A 32 6.79 -19.12 -49.77
C VAL A 32 6.54 -17.80 -49.11
N SER A 33 6.39 -16.73 -49.92
CA SER A 33 6.16 -15.38 -49.34
C SER A 33 4.89 -15.32 -48.47
N ASP A 34 3.85 -16.13 -48.84
CA ASP A 34 2.62 -16.15 -48.06
C ASP A 34 2.88 -16.65 -46.64
N VAL A 35 3.74 -17.67 -46.52
CA VAL A 35 4.00 -18.29 -45.27
C VAL A 35 4.89 -17.36 -44.42
N LEU A 36 5.86 -16.72 -45.08
CA LEU A 36 6.76 -15.78 -44.41
C LEU A 36 5.99 -14.56 -43.94
N ASP A 37 4.93 -14.21 -44.67
CA ASP A 37 4.08 -13.06 -44.34
C ASP A 37 3.20 -13.33 -43.08
N GLU A 38 3.15 -14.60 -42.60
CA GLU A 38 2.36 -14.90 -41.36
C GLU A 38 3.07 -14.32 -40.13
N ARG A 39 4.35 -13.99 -40.18
CA ARG A 39 5.04 -13.37 -39.06
C ARG A 39 5.70 -12.09 -39.56
N VAL A 40 6.15 -11.29 -38.60
CA VAL A 40 6.74 -9.99 -38.91
C VAL A 40 7.70 -9.62 -37.77
N SER A 41 8.84 -9.07 -38.11
CA SER A 41 9.79 -8.61 -37.11
C SER A 41 10.29 -7.19 -37.44
N LEU A 42 11.03 -6.63 -36.47
CA LEU A 42 11.64 -5.39 -36.73
C LEU A 42 12.56 -5.43 -37.99
N TRP A 43 13.19 -6.57 -38.26
CA TRP A 43 14.03 -6.66 -39.45
C TRP A 43 13.32 -6.33 -40.74
N ASP A 44 12.01 -6.47 -40.78
CA ASP A 44 11.28 -6.16 -41.96
C ASP A 44 11.04 -4.68 -42.25
N PHE A 45 11.44 -3.83 -41.28
CA PHE A 45 11.31 -2.37 -41.40
C PHE A 45 12.59 -1.66 -41.08
N HIS A 46 13.63 -2.37 -40.67
CA HIS A 46 14.88 -1.77 -40.15
C HIS A 46 15.89 -1.66 -41.28
N CYS A 47 15.57 -0.72 -42.19
CA CYS A 47 16.29 -0.66 -43.47
C CYS A 47 16.41 0.75 -43.96
N ASP A 48 17.39 0.97 -44.82
CA ASP A 48 17.62 2.31 -45.39
C ASP A 48 16.67 2.57 -46.53
N PRO A 49 16.76 3.74 -47.11
CA PRO A 49 15.81 4.15 -48.14
C PRO A 49 15.86 3.29 -49.40
N SER A 50 16.93 2.54 -49.61
CA SER A 50 17.05 1.61 -50.73
C SER A 50 16.66 0.19 -50.35
N GLY A 51 16.19 0.00 -49.10
CA GLY A 51 15.73 -1.28 -48.66
C GLY A 51 16.82 -2.16 -48.11
N ASN A 52 18.04 -1.63 -47.93
CA ASN A 52 19.09 -2.47 -47.37
C ASN A 52 18.99 -2.48 -45.82
N VAL A 53 19.06 -3.68 -45.25
CA VAL A 53 18.98 -3.88 -43.81
C VAL A 53 20.11 -3.07 -43.16
N ILE A 54 19.76 -2.47 -42.02
CA ILE A 54 20.66 -1.71 -41.15
C ILE A 54 20.85 -2.54 -39.86
N GLN A 55 22.10 -2.77 -39.45
CA GLN A 55 22.39 -3.40 -38.14
C GLN A 55 22.13 -2.39 -37.00
N PRO A 56 21.39 -2.84 -35.96
CA PRO A 56 21.22 -1.95 -34.77
C PRO A 56 22.51 -1.82 -33.99
N GLY A 57 22.53 -0.82 -33.14
CA GLY A 57 23.72 -0.53 -32.38
C GLY A 57 23.65 0.85 -31.76
N PRO A 58 24.64 1.18 -30.89
CA PRO A 58 24.59 2.39 -30.13
C PRO A 58 24.67 3.64 -30.99
N ASN A 59 25.10 3.53 -32.23
CA ASN A 59 25.14 4.69 -33.16
C ASN A 59 23.98 4.69 -34.15
N VAL A 60 23.01 3.79 -34.00
CA VAL A 60 21.85 3.75 -34.90
C VAL A 60 20.58 3.98 -34.08
N ASP A 61 19.73 4.91 -34.56
CA ASP A 61 18.44 5.18 -33.97
C ASP A 61 17.39 4.35 -34.61
N SER A 62 16.88 3.38 -33.87
CA SER A 62 15.94 2.41 -34.38
C SER A 62 14.47 2.92 -34.35
N ARG A 63 14.23 4.10 -33.79
CA ARG A 63 12.88 4.54 -33.58
C ARG A 63 12.01 4.57 -34.85
N GLN A 64 12.49 5.22 -35.89
CA GLN A 64 11.65 5.37 -37.08
C GLN A 64 11.27 4.00 -37.63
N TYR A 65 12.19 3.01 -37.52
CA TYR A 65 11.93 1.68 -38.09
C TYR A 65 10.88 0.97 -37.30
N LEU A 66 10.90 1.10 -36.00
CA LEU A 66 9.92 0.44 -35.15
C LEU A 66 8.56 1.08 -35.30
N GLN A 67 8.57 2.40 -35.44
CA GLN A 67 7.29 3.06 -35.68
C GLN A 67 6.71 2.63 -37.03
N ALA A 68 7.57 2.53 -38.06
CA ALA A 68 7.05 2.12 -39.39
C ALA A 68 6.42 0.72 -39.27
N ALA A 69 7.08 -0.16 -38.52
CA ALA A 69 6.55 -1.51 -38.34
C ALA A 69 5.15 -1.49 -37.68
N ILE A 70 5.01 -0.76 -36.58
CA ILE A 70 3.77 -0.64 -35.88
C ILE A 70 2.66 -0.06 -36.75
N ASP A 71 2.99 1.00 -37.45
CA ASP A 71 2.06 1.68 -38.36
C ASP A 71 1.55 0.70 -39.43
N TYR A 72 2.47 -0.10 -39.99
CA TYR A 72 2.06 -0.92 -41.09
C TYR A 72 1.16 -2.07 -40.56
N VAL A 73 1.59 -2.73 -39.48
CA VAL A 73 0.84 -3.83 -38.96
C VAL A 73 -0.57 -3.36 -38.52
N SER A 74 -0.65 -2.15 -37.95
CA SER A 74 -1.95 -1.59 -37.57
C SER A 74 -2.86 -1.48 -38.76
N SER A 75 -2.29 -1.08 -39.91
CA SER A 75 -3.08 -0.90 -41.16
C SER A 75 -3.72 -2.22 -41.63
N ASN A 76 -3.15 -3.35 -41.21
CA ASN A 76 -3.74 -4.68 -41.58
C ASN A 76 -4.61 -5.30 -40.50
N GLY A 77 -4.96 -4.54 -39.50
CA GLY A 77 -5.84 -5.06 -38.47
C GLY A 77 -5.12 -5.68 -37.31
N GLY A 78 -3.80 -5.55 -37.25
CA GLY A 78 -3.12 -5.97 -36.07
C GLY A 78 -2.26 -7.18 -36.37
N GLY A 79 -1.51 -7.55 -35.34
CA GLY A 79 -0.60 -8.68 -35.34
C GLY A 79 0.44 -8.48 -34.26
N THR A 80 1.45 -9.32 -34.27
CA THR A 80 2.52 -9.26 -33.27
C THR A 80 3.89 -9.06 -33.92
N ILE A 81 4.57 -7.92 -33.60
CA ILE A 81 5.92 -7.63 -34.10
C ILE A 81 6.96 -8.13 -33.13
N THR A 82 7.88 -8.98 -33.60
CA THR A 82 8.97 -9.46 -32.78
C THR A 82 10.16 -8.48 -32.83
N ILE A 83 10.66 -8.18 -31.61
CA ILE A 83 11.91 -7.40 -31.45
C ILE A 83 13.01 -8.40 -31.15
N PRO A 84 13.80 -8.79 -32.16
CA PRO A 84 14.61 -9.97 -32.05
C PRO A 84 15.60 -10.07 -30.93
N ALA A 85 15.71 -11.30 -30.43
CA ALA A 85 16.72 -11.67 -29.48
C ALA A 85 18.14 -11.65 -30.06
N GLY A 86 19.13 -11.36 -29.19
CA GLY A 86 20.53 -11.39 -29.60
C GLY A 86 21.02 -10.01 -30.09
N TYR A 87 20.14 -8.99 -29.99
CA TYR A 87 20.44 -7.63 -30.41
C TYR A 87 19.91 -6.62 -29.40
N THR A 88 20.60 -5.51 -29.32
CA THR A 88 20.16 -4.34 -28.57
C THR A 88 19.75 -3.26 -29.55
N TRP A 89 18.52 -2.80 -29.45
CA TRP A 89 17.90 -1.87 -30.35
C TRP A 89 17.84 -0.53 -29.65
N TYR A 90 18.60 0.45 -30.13
CA TYR A 90 18.65 1.73 -29.43
C TYR A 90 17.62 2.72 -29.95
N LEU A 91 17.09 3.53 -29.06
CA LEU A 91 16.14 4.61 -29.40
C LEU A 91 16.82 5.94 -29.11
N GLY A 92 16.78 6.87 -30.08
CA GLY A 92 17.71 8.02 -30.04
C GLY A 92 17.10 9.36 -30.49
N SER A 93 15.77 9.44 -30.54
CA SER A 93 15.03 10.65 -30.94
C SER A 93 13.58 10.52 -30.45
N TYR A 94 12.89 11.66 -30.39
CA TYR A 94 11.48 11.72 -30.05
C TYR A 94 10.58 11.37 -31.22
N GLY A 95 9.39 10.84 -30.91
CA GLY A 95 8.36 10.59 -31.91
C GLY A 95 7.70 11.91 -32.26
N VAL A 96 6.76 11.83 -33.20
CA VAL A 96 6.09 13.00 -33.77
C VAL A 96 4.58 12.85 -33.76
N GLY A 97 3.87 13.95 -33.81
CA GLY A 97 2.41 13.94 -33.82
C GLY A 97 1.82 13.86 -32.40
N GLY A 98 0.81 13.01 -32.19
CA GLY A 98 0.00 13.03 -30.98
C GLY A 98 0.81 12.70 -29.73
N ILE A 99 1.90 11.95 -29.90
CA ILE A 99 2.71 11.54 -28.73
C ILE A 99 3.78 12.58 -28.33
N ALA A 100 3.99 13.60 -29.15
CA ALA A 100 4.93 14.64 -28.80
C ALA A 100 4.61 15.47 -27.56
N GLY A 101 3.32 15.61 -27.28
CA GLY A 101 2.84 16.27 -26.06
C GLY A 101 3.10 15.46 -24.80
N HIS A 102 3.53 14.21 -24.96
CA HIS A 102 3.79 13.30 -23.87
C HIS A 102 5.27 12.97 -23.82
N SER A 103 6.09 13.74 -24.55
CA SER A 103 7.53 13.36 -24.72
C SER A 103 7.69 11.95 -25.18
N GLY A 104 6.81 11.54 -26.08
CA GLY A 104 6.74 10.16 -26.53
C GLY A 104 7.86 9.76 -27.47
N ILE A 105 8.28 8.49 -27.36
CA ILE A 105 9.25 7.97 -28.33
C ILE A 105 8.53 7.13 -29.40
N ILE A 106 7.84 6.08 -28.98
CA ILE A 106 7.09 5.18 -29.89
C ILE A 106 5.61 5.29 -29.59
N GLN A 107 4.77 5.40 -30.61
CA GLN A 107 3.32 5.32 -30.47
C GLN A 107 2.85 3.87 -30.70
N LEU A 108 2.20 3.34 -29.66
CA LEU A 108 1.50 2.09 -29.73
C LEU A 108 0.23 2.27 -30.50
N ARG A 109 -0.24 1.20 -31.12
CA ARG A 109 -1.50 1.17 -31.84
C ARG A 109 -2.33 -0.06 -31.55
N SER A 110 -3.64 0.08 -31.71
CA SER A 110 -4.58 -0.97 -31.36
C SER A 110 -4.34 -2.28 -32.10
N ASN A 111 -4.43 -3.41 -31.37
CA ASN A 111 -4.23 -4.76 -31.93
C ASN A 111 -2.84 -5.06 -32.39
N VAL A 112 -1.88 -4.17 -32.12
CA VAL A 112 -0.51 -4.41 -32.52
C VAL A 112 0.29 -4.73 -31.27
N ASN A 113 0.68 -6.01 -31.14
CA ASN A 113 1.40 -6.47 -29.98
C ASN A 113 2.89 -6.39 -30.24
N LEU A 114 3.70 -6.18 -29.19
CA LEU A 114 5.15 -6.25 -29.26
C LEU A 114 5.71 -7.44 -28.51
N ASN A 115 6.35 -8.40 -29.15
CA ASN A 115 7.03 -9.47 -28.50
C ASN A 115 8.50 -9.12 -28.40
N ILE A 116 8.86 -8.59 -27.24
CA ILE A 116 10.21 -8.07 -27.00
C ILE A 116 11.06 -9.21 -26.48
N GLU A 117 11.88 -9.77 -27.34
CA GLU A 117 12.84 -10.79 -26.95
C GLU A 117 14.25 -10.28 -26.77
N GLY A 118 14.66 -9.34 -27.60
CA GLY A 118 15.89 -8.60 -27.40
C GLY A 118 15.78 -7.44 -26.42
N ARG A 119 16.76 -6.55 -26.47
CA ARG A 119 16.83 -5.43 -25.57
C ARG A 119 16.52 -4.12 -26.27
N ILE A 120 15.79 -3.23 -25.61
CA ILE A 120 15.55 -1.87 -26.08
C ILE A 120 16.26 -0.96 -25.13
N HIS A 121 17.22 -0.17 -25.64
N HIS A 121 17.07 -0.03 -25.64
CA HIS A 121 17.95 0.78 -24.83
CA HIS A 121 17.98 0.73 -24.83
C HIS A 121 17.70 2.20 -25.27
C HIS A 121 17.97 2.20 -25.27
N LEU A 122 17.82 3.10 -24.31
CA LEU A 122 17.82 4.52 -24.62
C LEU A 122 19.24 5.07 -24.82
N SER A 123 19.43 5.82 -25.90
CA SER A 123 20.66 6.46 -26.19
C SER A 123 20.84 7.78 -25.44
N PRO A 124 22.06 8.33 -25.45
CA PRO A 124 22.28 9.46 -24.57
C PRO A 124 21.67 10.75 -25.06
N PHE A 125 21.10 10.73 -26.25
CA PHE A 125 20.18 11.84 -26.58
C PHE A 125 19.19 12.12 -25.45
N PHE A 126 18.73 11.09 -24.80
CA PHE A 126 17.76 11.28 -23.67
C PHE A 126 18.35 11.71 -22.32
N ASP A 127 19.66 11.84 -22.21
CA ASP A 127 20.24 12.17 -20.93
C ASP A 127 19.70 13.56 -20.48
N LEU A 128 19.27 13.65 -19.19
CA LEU A 128 18.79 14.91 -18.59
C LEU A 128 17.53 15.42 -19.21
N LYS A 129 16.82 14.58 -19.96
CA LYS A 129 15.58 15.00 -20.70
C LYS A 129 14.35 14.12 -20.26
N PRO A 130 13.13 14.66 -20.43
CA PRO A 130 11.93 13.81 -20.23
C PRO A 130 11.72 12.81 -21.35
N PHE A 131 11.02 11.70 -21.05
CA PHE A 131 10.62 10.83 -22.10
C PHE A 131 9.55 9.84 -21.61
N GLN A 132 8.71 9.43 -22.55
CA GLN A 132 7.82 8.29 -22.35
C GLN A 132 8.00 7.33 -23.45
N VAL A 133 8.54 6.17 -23.15
CA VAL A 133 9.06 5.32 -24.22
C VAL A 133 8.01 4.79 -25.18
N PHE A 134 6.98 4.21 -24.64
CA PHE A 134 5.83 3.75 -25.45
C PHE A 134 4.61 4.47 -25.01
N VAL A 135 3.85 5.07 -25.93
CA VAL A 135 2.68 5.89 -25.62
C VAL A 135 1.47 5.44 -26.46
N GLY A 136 0.37 5.19 -25.78
CA GLY A 136 -0.88 4.77 -26.43
C GLY A 136 -1.86 5.91 -26.67
N PHE A 137 -1.59 7.11 -26.13
CA PHE A 137 -2.48 8.26 -26.48
C PHE A 137 -2.24 8.55 -27.95
N ASP A 138 -3.21 9.15 -28.64
CA ASP A 138 -2.99 9.58 -30.03
C ASP A 138 -3.14 11.07 -30.21
N ASN A 139 -3.13 11.81 -29.11
CA ASN A 139 -3.34 13.21 -29.06
C ASN A 139 -2.57 13.78 -27.88
N GLY A 140 -2.07 15.00 -28.05
CA GLY A 140 -1.30 15.65 -27.05
C GLY A 140 -2.13 15.96 -25.80
N ASP A 141 -3.44 16.12 -26.02
CA ASP A 141 -4.41 16.32 -24.98
C ASP A 141 -5.06 14.99 -24.71
N PRO A 142 -4.79 14.40 -23.52
CA PRO A 142 -5.45 13.10 -23.25
C PRO A 142 -6.97 13.12 -23.37
N ALA A 143 -7.58 14.25 -23.03
CA ALA A 143 -9.01 14.34 -23.15
C ALA A 143 -9.56 14.24 -24.57
N SER A 144 -8.72 14.59 -25.55
CA SER A 144 -9.06 14.54 -26.96
C SER A 144 -8.47 13.30 -27.62
N SER A 145 -7.82 12.42 -26.85
CA SER A 145 -7.32 11.15 -27.39
C SER A 145 -8.34 10.08 -27.63
N GLY A 146 -8.09 9.32 -28.73
CA GLY A 146 -8.78 8.11 -28.94
C GLY A 146 -8.18 7.05 -27.97
N ASN A 147 -8.80 5.90 -28.07
CA ASN A 147 -8.41 4.75 -27.23
C ASN A 147 -7.27 3.90 -27.82
N LEU A 148 -6.66 3.09 -26.95
CA LEU A 148 -5.75 2.04 -27.34
C LEU A 148 -6.42 0.77 -26.89
N GLU A 149 -6.64 -0.17 -27.80
CA GLU A 149 -7.27 -1.44 -27.42
C GLU A 149 -6.45 -2.63 -27.85
N ASN A 150 -6.45 -3.70 -27.06
CA ASN A 150 -5.91 -4.99 -27.50
C ASN A 150 -4.43 -4.89 -27.84
N CYS A 151 -3.65 -4.26 -26.95
CA CYS A 151 -2.21 -4.07 -27.17
C CYS A 151 -1.47 -4.70 -26.04
N HIS A 152 -0.68 -5.72 -26.39
CA HIS A 152 0.09 -6.51 -25.43
C HIS A 152 1.56 -6.47 -25.72
N ILE A 153 2.35 -6.23 -24.69
CA ILE A 153 3.81 -6.19 -24.76
C ILE A 153 4.28 -7.36 -23.93
N TYR A 154 5.04 -8.26 -24.47
CA TYR A 154 5.42 -9.49 -23.73
C TYR A 154 6.72 -10.06 -24.23
N GLY A 155 7.37 -10.90 -23.41
CA GLY A 155 8.61 -11.56 -23.86
C GLY A 155 9.63 -11.60 -22.77
N HIS A 156 10.77 -12.19 -23.13
CA HIS A 156 11.85 -12.38 -22.22
C HIS A 156 12.87 -11.19 -22.24
N GLY A 157 12.51 -10.16 -22.97
CA GLY A 157 13.44 -9.07 -23.19
C GLY A 157 13.39 -7.98 -22.15
N VAL A 158 14.06 -6.88 -22.49
CA VAL A 158 14.44 -5.88 -21.55
C VAL A 158 14.24 -4.48 -22.12
N VAL A 159 13.74 -3.56 -21.30
CA VAL A 159 13.77 -2.12 -21.56
C VAL A 159 14.72 -1.49 -20.58
N ASP A 160 15.77 -0.89 -21.12
CA ASP A 160 16.86 -0.35 -20.32
C ASP A 160 16.90 1.18 -20.49
N PHE A 161 16.74 1.93 -19.38
CA PHE A 161 16.58 3.41 -19.51
C PHE A 161 17.94 4.13 -19.52
N GLY A 162 19.05 3.41 -19.67
CA GLY A 162 20.33 4.03 -19.90
C GLY A 162 21.03 4.61 -18.76
N GLY A 163 20.44 4.55 -17.56
CA GLY A 163 21.08 5.06 -16.34
C GLY A 163 20.96 6.56 -16.21
N TYR A 164 20.34 7.25 -17.16
CA TYR A 164 20.46 8.70 -17.14
C TYR A 164 19.65 9.33 -16.04
N GLU A 165 20.24 10.33 -15.41
CA GLU A 165 19.47 11.01 -14.40
C GLU A 165 18.48 11.96 -15.05
N PHE A 166 17.49 12.29 -14.23
CA PHE A 166 16.62 13.46 -14.56
C PHE A 166 17.46 14.73 -14.60
N GLY A 167 17.06 15.59 -15.54
CA GLY A 167 17.61 16.91 -15.61
C GLY A 167 16.98 17.96 -14.73
N ALA A 168 15.73 17.81 -14.45
CA ALA A 168 15.01 18.72 -13.57
C ALA A 168 13.86 17.94 -12.93
N SER A 169 13.55 18.29 -11.68
N SER A 169 13.55 18.30 -11.69
CA SER A 169 12.55 17.61 -10.90
CA SER A 169 12.53 17.64 -10.90
C SER A 169 11.14 17.69 -11.50
C SER A 169 11.15 17.66 -11.55
N SER A 170 10.86 18.71 -12.29
CA SER A 170 9.57 18.91 -12.94
C SER A 170 9.38 18.04 -14.17
N GLN A 171 10.45 17.38 -14.66
CA GLN A 171 10.33 16.49 -15.82
C GLN A 171 9.56 15.21 -15.44
N LEU A 172 8.95 14.59 -16.44
CA LEU A 172 8.32 13.25 -16.28
C LEU A 172 8.99 12.22 -17.20
N ARG A 173 9.12 11.01 -16.67
CA ARG A 173 9.66 9.89 -17.43
C ARG A 173 8.84 8.63 -17.14
N ASN A 174 8.54 7.90 -18.20
CA ASN A 174 7.67 6.68 -18.16
C ASN A 174 8.25 5.66 -19.16
N GLY A 175 8.00 4.36 -18.85
CA GLY A 175 8.27 3.24 -19.79
C GLY A 175 7.11 3.05 -20.79
N VAL A 176 5.97 2.59 -20.27
CA VAL A 176 4.80 2.34 -21.08
C VAL A 176 3.64 3.14 -20.51
N ALA A 177 3.09 4.07 -21.29
CA ALA A 177 1.83 4.74 -20.99
C ALA A 177 0.79 4.21 -21.97
N PHE A 178 -0.07 3.34 -21.52
CA PHE A 178 -1.01 2.73 -22.41
C PHE A 178 -2.10 3.71 -22.86
N GLY A 179 -2.35 4.75 -22.06
CA GLY A 179 -3.31 5.78 -22.46
C GLY A 179 -4.71 5.39 -22.04
N ARG A 180 -5.71 5.66 -22.87
CA ARG A 180 -7.11 5.36 -22.62
C ARG A 180 -7.25 3.90 -23.11
N SER A 181 -6.85 3.00 -22.23
CA SER A 181 -6.40 1.66 -22.60
C SER A 181 -7.38 0.57 -22.18
N TYR A 182 -7.75 -0.23 -23.18
CA TYR A 182 -8.77 -1.32 -23.02
C TYR A 182 -8.17 -2.66 -23.46
N ASN A 183 -8.08 -3.62 -22.53
CA ASN A 183 -7.43 -4.94 -22.83
C ASN A 183 -6.02 -4.76 -23.37
N CYS A 184 -5.20 -4.16 -22.52
CA CYS A 184 -3.76 -3.98 -22.76
C CYS A 184 -2.99 -4.63 -21.62
N SER A 185 -1.77 -5.08 -21.91
CA SER A 185 -1.00 -5.76 -20.86
C SER A 185 0.49 -5.77 -21.13
N VAL A 186 1.26 -5.89 -20.06
CA VAL A 186 2.70 -6.13 -20.13
C VAL A 186 3.02 -7.38 -19.34
N THR A 187 3.72 -8.30 -19.93
CA THR A 187 4.02 -9.62 -19.32
C THR A 187 5.48 -10.05 -19.58
N GLY A 188 6.24 -10.35 -18.53
CA GLY A 188 7.53 -10.98 -18.68
C GLY A 188 8.70 -10.03 -18.80
N ILE A 189 8.44 -8.78 -19.00
CA ILE A 189 9.46 -7.81 -19.37
C ILE A 189 10.25 -7.33 -18.15
N THR A 190 11.55 -7.10 -18.32
CA THR A 190 12.42 -6.47 -17.32
C THR A 190 12.62 -5.02 -17.70
N PHE A 191 12.28 -4.14 -16.78
CA PHE A 191 12.49 -2.69 -16.90
C PHE A 191 13.63 -2.36 -15.93
N GLN A 192 14.69 -1.70 -16.37
CA GLN A 192 15.87 -1.55 -15.51
C GLN A 192 16.70 -0.32 -15.81
N ASN A 193 17.47 0.08 -14.81
N ASN A 193 17.51 0.04 -14.82
CA ASN A 193 18.60 1.02 -15.01
CA ASN A 193 18.58 1.04 -14.97
C ASN A 193 18.12 2.44 -15.41
C ASN A 193 18.05 2.40 -15.44
N GLY A 194 17.31 3.08 -14.56
CA GLY A 194 16.90 4.44 -14.89
C GLY A 194 16.66 5.35 -13.71
N ASP A 195 16.17 6.54 -14.04
CA ASP A 195 15.71 7.51 -13.08
C ASP A 195 14.42 8.00 -13.66
N VAL A 196 13.29 7.37 -13.30
CA VAL A 196 12.04 7.68 -13.93
C VAL A 196 10.91 7.94 -12.96
N THR A 197 9.76 8.44 -13.45
CA THR A 197 8.64 8.72 -12.58
C THR A 197 7.83 7.42 -12.41
N TRP A 198 7.50 6.77 -13.53
CA TRP A 198 6.77 5.48 -13.54
C TRP A 198 7.52 4.55 -14.53
N ALA A 199 7.35 3.24 -14.36
CA ALA A 199 7.67 2.32 -15.44
C ALA A 199 6.47 2.09 -16.39
N ILE A 200 5.31 1.93 -15.79
CA ILE A 200 4.10 1.65 -16.54
C ILE A 200 2.96 2.42 -15.95
N THR A 201 2.14 3.04 -16.80
CA THR A 201 0.87 3.54 -16.39
C THR A 201 -0.29 2.91 -17.24
N LEU A 202 -1.40 2.64 -16.55
CA LEU A 202 -2.54 1.97 -17.12
C LEU A 202 -3.70 2.94 -17.08
N GLY A 203 -4.33 3.19 -18.22
CA GLY A 203 -5.54 3.98 -18.18
C GLY A 203 -5.25 5.47 -18.05
N TRP A 204 -6.30 6.28 -18.11
CA TRP A 204 -6.20 7.72 -17.94
C TRP A 204 -7.46 8.22 -17.31
N ASN A 205 -7.35 8.65 -16.05
CA ASN A 205 -8.44 9.31 -15.26
C ASN A 205 -9.68 8.48 -15.35
N GLY A 206 -9.53 7.18 -15.21
CA GLY A 206 -10.68 6.26 -15.15
C GLY A 206 -11.11 5.66 -16.48
N TYR A 207 -10.58 6.22 -17.58
CA TYR A 207 -10.83 5.66 -18.91
C TYR A 207 -9.88 4.53 -19.17
N GLY A 208 -10.48 3.39 -19.53
CA GLY A 208 -9.80 2.09 -19.81
C GLY A 208 -10.44 0.98 -19.04
N SER A 209 -9.95 -0.25 -19.28
CA SER A 209 -10.44 -1.41 -18.59
C SER A 209 -9.51 -2.60 -18.88
N ASN A 210 -9.46 -3.56 -17.95
CA ASN A 210 -8.80 -4.86 -18.25
C ASN A 210 -7.35 -4.64 -18.72
N CYS A 211 -6.58 -3.88 -17.93
CA CYS A 211 -5.17 -3.70 -18.18
C CYS A 211 -4.38 -4.36 -17.06
N TYR A 212 -3.30 -5.07 -17.38
CA TYR A 212 -2.58 -5.86 -16.40
C TYR A 212 -1.09 -5.82 -16.60
N VAL A 213 -0.36 -6.01 -15.52
CA VAL A 213 1.08 -6.11 -15.47
C VAL A 213 1.38 -7.42 -14.72
N ARG A 214 1.97 -8.37 -15.39
CA ARG A 214 2.13 -9.70 -14.85
C ARG A 214 3.56 -10.18 -15.11
N LYS A 215 4.23 -10.77 -14.10
CA LYS A 215 5.56 -11.40 -14.24
C LYS A 215 6.59 -10.51 -14.82
N CYS A 216 6.47 -9.24 -14.53
CA CYS A 216 7.50 -8.26 -14.88
C CYS A 216 8.45 -8.02 -13.75
N ARG A 217 9.64 -7.53 -14.09
CA ARG A 217 10.68 -7.15 -13.14
C ARG A 217 11.00 -5.65 -13.33
N PHE A 218 11.17 -4.94 -12.23
CA PHE A 218 11.52 -3.53 -12.24
C PHE A 218 12.69 -3.34 -11.30
N ILE A 219 13.78 -2.96 -11.89
CA ILE A 219 15.09 -3.02 -11.20
C ILE A 219 15.80 -1.70 -11.35
N ASN A 220 16.03 -1.02 -10.23
CA ASN A 220 16.91 0.18 -10.17
C ASN A 220 16.45 1.33 -11.05
N LEU A 221 15.22 1.79 -10.75
CA LEU A 221 14.56 2.77 -11.59
C LEU A 221 14.51 4.16 -10.97
N VAL A 222 15.20 4.36 -9.85
CA VAL A 222 15.48 5.70 -9.30
C VAL A 222 16.95 5.76 -9.00
N ASN A 223 17.63 6.86 -9.36
CA ASN A 223 19.06 6.93 -9.08
C ASN A 223 19.59 8.33 -8.71
N SER A 224 18.72 9.29 -8.54
CA SER A 224 19.22 10.65 -8.29
C SER A 224 18.37 11.45 -7.31
N SER A 225 18.99 12.50 -6.73
CA SER A 225 18.26 13.45 -5.88
C SER A 225 17.32 14.37 -6.69
N VAL A 226 17.49 14.44 -7.99
CA VAL A 226 16.61 15.29 -8.82
C VAL A 226 15.20 14.74 -8.93
N ASN A 227 15.09 13.43 -8.96
CA ASN A 227 13.84 12.70 -9.19
C ASN A 227 12.86 13.14 -8.09
N ALA A 228 11.77 13.74 -8.50
CA ALA A 228 10.80 14.26 -7.55
C ALA A 228 10.01 13.16 -6.85
N ASP A 229 9.75 12.05 -7.52
CA ASP A 229 8.75 11.11 -7.07
C ASP A 229 8.74 9.93 -8.01
N HIS A 230 8.49 8.77 -7.50
CA HIS A 230 8.44 7.55 -8.34
C HIS A 230 7.39 6.58 -7.86
N SER A 231 6.53 6.12 -8.77
CA SER A 231 5.69 5.00 -8.49
C SER A 231 5.74 4.01 -9.68
N THR A 232 6.16 2.77 -9.43
CA THR A 232 6.54 1.93 -10.57
C THR A 232 5.39 1.61 -11.55
N VAL A 233 4.23 1.28 -11.01
CA VAL A 233 3.01 1.05 -11.81
C VAL A 233 1.90 1.90 -11.28
N TYR A 234 1.27 2.70 -12.15
CA TYR A 234 0.13 3.52 -11.73
C TYR A 234 -1.12 2.99 -12.48
N VAL A 235 -2.07 2.51 -11.67
CA VAL A 235 -3.24 1.87 -12.22
C VAL A 235 -4.41 2.89 -12.20
N ASN A 236 -4.72 3.43 -13.36
CA ASN A 236 -5.67 4.52 -13.50
C ASN A 236 -6.89 4.21 -14.38
N CYS A 237 -7.21 2.91 -14.43
CA CYS A 237 -8.46 2.45 -15.03
C CYS A 237 -8.98 1.24 -14.24
N PRO A 238 -10.27 1.05 -14.24
CA PRO A 238 -10.82 -0.09 -13.46
C PRO A 238 -10.57 -1.45 -14.09
N TYR A 239 -10.97 -2.44 -13.32
CA TYR A 239 -10.90 -3.84 -13.75
C TYR A 239 -9.47 -4.23 -14.24
N SER A 240 -8.45 -3.83 -13.45
CA SER A 240 -7.06 -3.83 -13.90
C SER A 240 -6.20 -4.12 -12.67
N GLY A 241 -4.93 -4.50 -12.87
CA GLY A 241 -4.10 -4.85 -11.76
C GLY A 241 -2.71 -5.29 -12.09
N VAL A 242 -2.00 -5.66 -11.03
CA VAL A 242 -0.58 -6.03 -11.03
C VAL A 242 -0.52 -7.36 -10.30
N GLU A 243 0.07 -8.38 -10.90
CA GLU A 243 0.23 -9.69 -10.25
C GLU A 243 1.56 -10.31 -10.52
N SER A 244 2.18 -10.93 -9.52
CA SER A 244 3.37 -11.77 -9.68
C SER A 244 4.54 -11.04 -10.26
N CYS A 245 4.79 -9.82 -9.78
CA CYS A 245 5.90 -8.97 -10.25
C CYS A 245 7.00 -8.90 -9.21
N TYR A 246 8.12 -8.37 -9.65
CA TYR A 246 9.30 -8.24 -8.78
C TYR A 246 9.77 -6.79 -8.90
N PHE A 247 9.95 -6.14 -7.73
CA PHE A 247 10.36 -4.71 -7.70
C PHE A 247 11.61 -4.57 -6.82
N SER A 248 12.69 -3.99 -7.32
CA SER A 248 13.85 -3.80 -6.48
C SER A 248 14.50 -2.45 -6.79
N MET A 249 14.91 -1.79 -5.73
CA MET A 249 15.67 -0.55 -5.80
C MET A 249 16.86 -0.69 -4.88
N SER A 250 17.94 0.02 -5.25
CA SER A 250 19.21 -0.01 -4.47
C SER A 250 19.61 1.38 -4.05
N SER A 251 19.07 2.41 -4.68
N SER A 251 19.05 2.41 -4.67
CA SER A 251 19.40 3.79 -4.35
CA SER A 251 19.46 3.76 -4.36
C SER A 251 18.89 4.21 -2.97
C SER A 251 18.86 4.28 -3.05
N SER A 252 19.66 5.08 -2.34
CA SER A 252 19.19 5.72 -1.13
C SER A 252 17.97 6.57 -1.39
N PHE A 253 17.92 7.23 -2.54
CA PHE A 253 16.74 8.10 -2.82
C PHE A 253 15.44 7.34 -2.92
N ALA A 254 15.51 6.11 -3.40
CA ALA A 254 14.33 5.32 -3.53
C ALA A 254 13.70 5.01 -2.18
N ARG A 255 14.49 4.90 -1.13
CA ARG A 255 13.98 4.70 0.22
C ARG A 255 13.12 5.81 0.74
N ASN A 256 13.18 6.97 0.11
CA ASN A 256 12.45 8.13 0.55
C ASN A 256 11.40 8.54 -0.41
N ILE A 257 11.53 8.17 -1.68
CA ILE A 257 10.58 8.62 -2.69
C ILE A 257 9.77 7.52 -3.40
N ALA A 258 10.22 6.28 -3.47
CA ALA A 258 9.66 5.32 -4.46
C ALA A 258 8.56 4.45 -3.84
N CYS A 259 7.48 4.26 -4.57
CA CYS A 259 6.35 3.38 -4.29
C CYS A 259 6.21 2.32 -5.38
N SER A 260 5.88 1.05 -5.05
CA SER A 260 5.76 0.05 -6.10
C SER A 260 4.54 0.20 -6.99
N VAL A 261 3.36 0.38 -6.42
CA VAL A 261 2.12 0.37 -7.17
C VAL A 261 1.22 1.46 -6.67
N GLU A 262 0.34 1.99 -7.51
CA GLU A 262 -0.78 2.81 -7.10
C GLU A 262 -2.05 2.28 -7.72
N LEU A 263 -3.06 2.12 -6.86
CA LEU A 263 -4.38 1.70 -7.32
C LEU A 263 -5.33 2.88 -7.18
N HIS A 264 -5.87 3.42 -8.30
CA HIS A 264 -6.56 4.69 -8.34
C HIS A 264 -7.97 4.61 -8.87
N GLN A 265 -8.45 3.41 -9.19
CA GLN A 265 -9.82 3.25 -9.69
C GLN A 265 -10.36 1.90 -9.16
N HIS A 266 -11.69 1.74 -9.31
CA HIS A 266 -12.39 0.63 -8.68
C HIS A 266 -12.00 -0.70 -9.36
N ASP A 267 -12.19 -1.78 -8.60
CA ASP A 267 -11.98 -3.11 -9.14
C ASP A 267 -10.55 -3.28 -9.61
N THR A 268 -9.59 -2.94 -8.75
CA THR A 268 -8.18 -3.05 -9.07
C THR A 268 -7.49 -3.79 -7.98
N PHE A 269 -6.37 -4.38 -8.34
CA PHE A 269 -5.64 -5.32 -7.46
C PHE A 269 -4.13 -5.26 -7.58
N TYR A 270 -3.47 -5.69 -6.51
CA TYR A 270 -2.00 -5.82 -6.42
C TYR A 270 -1.75 -7.07 -5.62
N ARG A 271 -1.26 -8.13 -6.30
N ARG A 271 -1.26 -8.13 -6.27
CA ARG A 271 -1.20 -9.46 -5.71
CA ARG A 271 -1.14 -9.41 -5.60
C ARG A 271 0.14 -10.13 -5.97
C ARG A 271 0.14 -10.12 -5.96
N GLY A 272 0.59 -10.98 -5.04
CA GLY A 272 1.64 -11.97 -5.31
C GLY A 272 2.97 -11.43 -5.73
N SER A 273 3.29 -10.20 -5.32
CA SER A 273 4.49 -9.56 -5.78
C SER A 273 5.51 -9.39 -4.65
N THR A 274 6.79 -9.21 -5.02
CA THR A 274 7.88 -9.04 -4.09
C THR A 274 8.55 -7.68 -4.31
N VAL A 275 8.70 -6.90 -3.23
CA VAL A 275 9.25 -5.58 -3.22
C VAL A 275 10.47 -5.54 -2.32
N ASN A 276 11.55 -4.88 -2.75
CA ASN A 276 12.71 -4.61 -1.88
C ASN A 276 13.28 -3.21 -2.20
N GLY A 277 13.56 -2.42 -1.18
CA GLY A 277 14.33 -1.19 -1.34
C GLY A 277 13.49 0.07 -1.60
N TYR A 278 12.18 -0.06 -1.48
CA TYR A 278 11.27 1.04 -1.78
C TYR A 278 10.85 1.71 -0.50
N CYS A 279 10.41 2.97 -0.63
CA CYS A 279 9.81 3.67 0.47
C CYS A 279 8.47 3.05 0.77
N ARG A 280 7.64 2.77 -0.26
CA ARG A 280 6.24 2.49 -0.06
C ARG A 280 5.85 1.30 -0.87
N GLY A 281 4.81 0.58 -0.40
CA GLY A 281 4.24 -0.54 -1.14
C GLY A 281 3.17 -0.17 -2.18
N ALA A 282 2.03 0.30 -1.68
CA ALA A 282 1.00 0.77 -2.56
C ALA A 282 0.25 1.93 -2.00
N TYR A 283 -0.12 2.88 -2.87
CA TYR A 283 -1.18 3.86 -2.61
C TYR A 283 -2.52 3.27 -3.11
N VAL A 284 -3.59 3.44 -2.32
CA VAL A 284 -4.94 3.04 -2.70
C VAL A 284 -5.72 4.32 -2.41
N VAL A 285 -6.05 5.03 -3.47
CA VAL A 285 -6.47 6.46 -3.37
C VAL A 285 -7.58 6.73 -4.44
N MET A 286 -8.65 7.39 -4.08
CA MET A 286 -9.57 7.97 -5.07
C MET A 286 -9.35 9.49 -5.11
N HIS A 287 -8.67 9.92 -6.17
CA HIS A 287 -8.48 11.38 -6.40
C HIS A 287 -9.71 11.89 -7.16
N ALA A 288 -10.41 12.91 -6.66
CA ALA A 288 -11.48 13.54 -7.36
C ALA A 288 -11.02 14.01 -8.73
N ALA A 289 -9.77 14.47 -8.83
CA ALA A 289 -9.29 14.98 -10.11
C ALA A 289 -9.20 13.85 -11.14
N GLU A 290 -9.27 12.57 -10.75
CA GLU A 290 -9.13 11.46 -11.69
C GLU A 290 -10.44 10.73 -11.90
N ALA A 291 -11.56 11.34 -11.53
CA ALA A 291 -12.87 10.67 -11.51
C ALA A 291 -13.71 10.66 -12.81
N ALA A 292 -13.14 11.13 -13.88
CA ALA A 292 -13.92 11.38 -15.11
C ALA A 292 -14.41 10.05 -15.74
N GLY A 293 -13.55 9.06 -15.89
CA GLY A 293 -13.93 7.90 -16.72
C GLY A 293 -14.75 6.81 -16.03
N ALA A 294 -14.60 6.69 -14.70
CA ALA A 294 -15.16 5.55 -13.99
C ALA A 294 -15.89 5.94 -12.70
N GLY A 295 -16.24 7.23 -12.53
CA GLY A 295 -16.90 7.66 -11.33
C GLY A 295 -15.96 8.09 -10.21
N SER A 296 -16.61 8.54 -9.14
N SER A 296 -16.56 8.56 -9.12
CA SER A 296 -15.98 9.18 -7.99
CA SER A 296 -15.78 9.13 -8.03
C SER A 296 -15.62 8.26 -6.83
C SER A 296 -15.62 8.26 -6.82
N TYR A 297 -15.86 6.97 -7.00
CA TYR A 297 -15.63 5.99 -6.00
C TYR A 297 -14.63 4.95 -6.39
N ALA A 298 -13.64 4.69 -5.52
CA ALA A 298 -12.72 3.59 -5.62
C ALA A 298 -13.19 2.55 -4.63
N TYR A 299 -13.68 1.42 -5.16
CA TYR A 299 -14.24 0.34 -4.40
C TYR A 299 -13.72 -0.95 -5.01
N ASN A 300 -13.75 -2.05 -4.21
CA ASN A 300 -13.18 -3.37 -4.65
C ASN A 300 -11.71 -3.23 -4.96
N MET A 301 -10.98 -2.82 -3.94
CA MET A 301 -9.56 -2.61 -4.04
C MET A 301 -8.87 -3.72 -3.25
N GLN A 302 -7.91 -4.41 -3.87
N GLN A 302 -7.94 -4.43 -3.85
CA GLN A 302 -7.34 -5.62 -3.29
CA GLN A 302 -7.39 -5.61 -3.21
C GLN A 302 -5.81 -5.50 -3.22
C GLN A 302 -5.87 -5.63 -3.23
N VAL A 303 -5.24 -5.68 -2.04
CA VAL A 303 -3.78 -5.77 -1.89
C VAL A 303 -3.50 -7.05 -1.13
N GLU A 304 -3.01 -8.09 -1.80
N GLU A 304 -3.03 -8.10 -1.79
CA GLU A 304 -2.97 -9.43 -1.20
CA GLU A 304 -2.99 -9.41 -1.15
C GLU A 304 -1.71 -10.21 -1.55
C GLU A 304 -1.79 -10.25 -1.54
N ASN A 305 -1.23 -10.91 -0.54
N ASN A 305 -1.24 -10.87 -0.52
CA ASN A 305 -0.26 -11.98 -0.71
CA ASN A 305 -0.21 -11.91 -0.67
C ASN A 305 1.10 -11.48 -1.27
C ASN A 305 1.04 -11.42 -1.37
N ASN A 306 1.46 -10.24 -0.92
CA ASN A 306 2.74 -9.59 -1.33
C ASN A 306 3.76 -9.83 -0.22
N ILE A 307 4.99 -9.65 -0.63
CA ILE A 307 6.15 -9.79 0.21
C ILE A 307 6.93 -8.47 0.08
N ALA A 308 7.26 -7.80 1.19
CA ALA A 308 7.94 -6.53 1.04
C ALA A 308 8.94 -6.21 2.06
N VAL A 309 10.04 -5.57 1.70
CA VAL A 309 10.97 -4.85 2.58
C VAL A 309 10.96 -3.42 2.09
N ILE A 310 10.42 -2.52 2.94
CA ILE A 310 10.23 -1.10 2.60
C ILE A 310 10.81 -0.24 3.72
N TYR A 311 10.84 1.10 3.52
CA TYR A 311 11.44 1.94 4.55
C TYR A 311 10.44 2.92 5.15
N GLY A 312 9.33 3.09 4.45
CA GLY A 312 8.23 3.95 4.87
C GLY A 312 6.94 3.22 5.18
N GLN A 313 5.90 3.41 4.34
CA GLN A 313 4.59 2.77 4.60
C GLN A 313 4.20 1.75 3.60
N PHE A 314 3.54 0.67 4.07
CA PHE A 314 3.20 -0.36 3.14
C PHE A 314 1.99 0.01 2.27
N VAL A 315 0.83 0.21 2.85
CA VAL A 315 -0.36 0.69 2.14
C VAL A 315 -0.76 2.04 2.67
N ILE A 316 -1.03 2.95 1.75
CA ILE A 316 -1.42 4.32 2.06
C ILE A 316 -2.81 4.57 1.45
N LEU A 317 -3.78 4.91 2.27
CA LEU A 317 -5.15 5.15 1.87
C LEU A 317 -5.42 6.64 1.77
N GLY A 318 -6.27 7.00 0.82
CA GLY A 318 -6.61 8.41 0.62
C GLY A 318 -7.85 8.57 -0.24
N SER A 319 -8.45 9.74 0.01
CA SER A 319 -9.44 10.30 -0.93
C SER A 319 -9.48 11.81 -0.78
N ASP A 320 -9.96 12.50 -1.83
CA ASP A 320 -9.93 13.92 -1.73
C ASP A 320 -11.03 14.52 -2.62
N VAL A 321 -11.08 15.86 -2.68
CA VAL A 321 -12.10 16.62 -3.38
C VAL A 321 -11.49 17.68 -4.32
N THR A 322 -12.28 18.05 -5.32
CA THR A 322 -11.96 19.22 -6.15
C THR A 322 -13.09 20.19 -5.91
N ALA A 323 -13.10 21.29 -6.63
CA ALA A 323 -14.23 22.18 -6.49
C ALA A 323 -15.62 21.57 -6.73
N THR A 324 -15.73 20.60 -7.65
CA THR A 324 -17.03 20.04 -8.03
C THR A 324 -17.23 18.52 -7.89
N VAL A 325 -16.19 17.81 -7.48
CA VAL A 325 -16.23 16.37 -7.38
C VAL A 325 -15.65 15.99 -6.03
N SER A 326 -16.29 14.99 -5.44
CA SER A 326 -15.80 14.40 -4.20
C SER A 326 -15.42 12.96 -4.36
N GLY A 327 -14.18 12.61 -4.00
CA GLY A 327 -13.65 11.23 -4.09
C GLY A 327 -13.93 10.45 -2.83
N HIS A 328 -14.29 9.16 -3.05
CA HIS A 328 -14.55 8.24 -1.92
C HIS A 328 -13.85 6.94 -2.09
N LEU A 329 -13.35 6.36 -1.01
CA LEU A 329 -12.63 5.09 -0.97
C LEU A 329 -13.37 4.18 -0.03
N ASN A 330 -13.79 3.02 -0.54
CA ASN A 330 -14.48 2.04 0.33
C ASN A 330 -14.34 0.68 -0.24
N ASP A 331 -14.57 -0.35 0.58
CA ASP A 331 -14.58 -1.77 0.13
C ASP A 331 -13.18 -2.15 -0.37
N VAL A 332 -12.29 -2.18 0.61
CA VAL A 332 -10.85 -2.44 0.42
C VAL A 332 -10.49 -3.67 1.21
N ILE A 333 -9.61 -4.53 0.68
CA ILE A 333 -9.11 -5.63 1.48
C ILE A 333 -7.57 -5.66 1.35
N VAL A 334 -6.89 -5.81 2.50
CA VAL A 334 -5.47 -5.90 2.60
C VAL A 334 -5.20 -7.21 3.37
N SER A 335 -4.65 -8.25 2.72
N SER A 335 -4.77 -8.29 2.71
CA SER A 335 -4.64 -9.57 3.33
CA SER A 335 -4.67 -9.60 3.36
C SER A 335 -3.49 -10.39 2.88
C SER A 335 -3.52 -10.40 2.89
N GLY A 336 -2.93 -11.17 3.80
CA GLY A 336 -1.92 -12.17 3.40
C GLY A 336 -0.56 -11.65 3.11
N ASN A 337 -0.31 -10.37 3.38
CA ASN A 337 0.95 -9.69 3.07
C ASN A 337 1.97 -9.94 4.20
N ILE A 338 3.26 -10.08 3.89
CA ILE A 338 4.28 -10.22 4.88
C ILE A 338 5.23 -9.07 4.56
N VAL A 339 5.39 -8.15 5.50
CA VAL A 339 6.06 -6.88 5.29
C VAL A 339 6.97 -6.54 6.45
N SER A 340 8.14 -5.99 6.12
N SER A 340 8.17 -6.03 6.10
CA SER A 340 9.00 -5.40 7.14
CA SER A 340 9.16 -5.52 7.06
C SER A 340 9.63 -4.12 6.73
C SER A 340 9.56 -4.08 6.70
N ILE A 341 9.87 -3.32 7.75
CA ILE A 341 10.69 -2.10 7.59
C ILE A 341 12.14 -2.63 7.61
N GLY A 342 12.88 -2.26 6.56
CA GLY A 342 14.29 -2.62 6.46
C GLY A 342 15.11 -1.92 7.47
N GLU A 343 16.30 -2.48 7.70
CA GLU A 343 17.26 -1.96 8.65
C GLU A 343 17.57 -0.49 8.33
N ARG A 344 17.29 0.37 9.30
CA ARG A 344 17.57 1.80 9.20
C ARG A 344 17.52 2.43 10.56
N ALA A 345 18.11 3.63 10.64
CA ALA A 345 17.96 4.43 11.84
C ALA A 345 16.56 4.94 12.01
N ALA A 346 16.18 5.16 13.26
CA ALA A 346 14.94 5.85 13.56
C ALA A 346 14.91 7.24 12.90
N PHE A 347 13.77 7.55 12.31
CA PHE A 347 13.49 8.84 11.69
C PHE A 347 14.32 9.16 10.42
N SER A 348 14.98 8.14 9.87
CA SER A 348 15.86 8.31 8.71
C SER A 348 15.13 8.17 7.36
N ALA A 349 13.84 7.79 7.40
CA ALA A 349 13.03 7.71 6.18
C ALA A 349 11.63 8.07 6.66
N PRO A 350 10.63 8.20 5.73
CA PRO A 350 9.29 8.47 6.17
C PRO A 350 8.73 7.41 7.15
N PHE A 351 7.86 7.89 8.04
CA PHE A 351 7.50 7.19 9.27
C PHE A 351 6.97 5.85 8.91
N GLY A 352 7.57 4.85 9.51
CA GLY A 352 7.23 3.49 9.15
C GLY A 352 5.83 3.02 9.52
N ALA A 353 5.13 2.36 8.64
CA ALA A 353 3.75 1.96 8.96
C ALA A 353 3.27 0.85 8.09
N PHE A 354 2.43 -0.01 8.60
CA PHE A 354 1.74 -0.98 7.75
C PHE A 354 0.63 -0.31 6.93
N ILE A 355 -0.27 0.39 7.62
CA ILE A 355 -1.31 1.20 6.98
C ILE A 355 -1.03 2.64 7.36
N ASP A 356 -1.20 3.57 6.40
CA ASP A 356 -1.19 5.00 6.68
C ASP A 356 -2.49 5.57 6.13
N ILE A 357 -3.17 6.37 6.94
CA ILE A 357 -4.32 7.17 6.50
C ILE A 357 -3.72 8.53 6.28
N GLY A 358 -3.44 8.88 5.01
CA GLY A 358 -2.64 10.05 4.78
C GLY A 358 -3.56 11.20 4.36
N PRO A 359 -3.12 12.41 4.64
CA PRO A 359 -3.74 13.64 4.17
C PRO A 359 -3.66 13.73 2.61
N ASP A 360 -4.32 14.72 2.05
CA ASP A 360 -4.28 14.89 0.58
C ASP A 360 -2.94 15.50 0.15
N ASN A 361 -2.75 15.71 -1.16
CA ASN A 361 -1.47 16.22 -1.65
C ASN A 361 -1.17 17.64 -1.18
N SER A 362 -2.18 18.40 -0.75
N SER A 362 -2.16 18.41 -0.73
CA SER A 362 -1.96 19.70 -0.14
CA SER A 362 -1.91 19.74 -0.12
C SER A 362 -1.93 19.66 1.38
C SER A 362 -1.65 19.65 1.40
N GLY A 363 -1.86 18.47 1.97
CA GLY A 363 -1.77 18.32 3.42
C GLY A 363 -3.10 18.39 4.17
N ALA A 364 -4.19 18.53 3.47
CA ALA A 364 -5.49 18.55 4.15
C ALA A 364 -5.94 17.20 4.73
N SER A 365 -6.38 17.22 5.97
CA SER A 365 -6.79 15.99 6.68
C SER A 365 -8.29 15.93 6.96
N ASN A 366 -9.04 16.85 6.35
CA ASN A 366 -10.46 16.98 6.60
C ASN A 366 -11.33 16.86 5.34
N VAL A 367 -10.81 16.13 4.34
CA VAL A 367 -11.51 15.93 3.05
C VAL A 367 -11.78 14.47 2.73
N GLN A 368 -11.23 13.56 3.49
CA GLN A 368 -11.26 12.16 3.19
C GLN A 368 -12.59 11.52 3.46
N ASP A 369 -12.91 10.50 2.67
CA ASP A 369 -14.12 9.65 2.88
C ASP A 369 -13.70 8.19 2.66
N ILE A 370 -13.10 7.61 3.71
CA ILE A 370 -12.45 6.28 3.62
C ILE A 370 -13.16 5.40 4.62
N GLN A 371 -13.74 4.32 4.12
CA GLN A 371 -14.50 3.35 4.99
C GLN A 371 -14.55 1.96 4.43
N ARG A 372 -15.10 1.07 5.21
CA ARG A 372 -15.22 -0.32 4.84
C ARG A 372 -13.96 -0.89 4.25
N VAL A 373 -12.92 -0.86 5.09
CA VAL A 373 -11.65 -1.44 4.83
C VAL A 373 -11.38 -2.62 5.75
N LEU A 374 -10.94 -3.72 5.23
CA LEU A 374 -10.60 -4.88 6.01
C LEU A 374 -9.13 -5.17 5.86
N VAL A 375 -8.40 -5.20 6.97
CA VAL A 375 -6.95 -5.54 7.10
C VAL A 375 -6.84 -6.77 7.91
N THR A 376 -6.52 -7.90 7.25
CA THR A 376 -6.62 -9.22 7.92
C THR A 376 -5.57 -10.19 7.53
N GLY A 377 -5.00 -10.92 8.49
CA GLY A 377 -4.11 -11.99 8.09
C GLY A 377 -2.81 -11.55 7.52
N ASN A 378 -2.29 -10.39 7.92
CA ASN A 378 -0.97 -9.88 7.50
C ASN A 378 0.03 -9.99 8.66
N SER A 379 1.30 -10.02 8.33
N SER A 379 1.29 -9.92 8.34
CA SER A 379 2.41 -9.84 9.29
CA SER A 379 2.37 -9.85 9.33
C SER A 379 3.15 -8.56 9.00
C SER A 379 3.33 -8.72 9.03
N PHE A 380 3.61 -7.90 10.05
CA PHE A 380 4.45 -6.72 9.92
C PHE A 380 5.50 -6.73 10.97
N TYR A 381 6.72 -6.39 10.61
CA TYR A 381 7.83 -6.37 11.53
C TYR A 381 8.63 -5.09 11.31
N ALA A 382 9.11 -4.43 12.37
CA ALA A 382 10.15 -3.44 12.30
C ALA A 382 11.16 -3.71 13.36
N PRO A 383 12.44 -3.55 13.02
CA PRO A 383 13.47 -3.74 14.03
C PRO A 383 13.34 -2.80 15.24
N ALA A 384 13.81 -3.27 16.38
CA ALA A 384 13.58 -2.63 17.71
C ALA A 384 14.02 -1.20 17.82
N ASN A 385 15.03 -0.78 17.04
CA ASN A 385 15.47 0.63 17.14
C ASN A 385 14.56 1.60 16.42
N ILE A 386 13.62 1.14 15.61
CA ILE A 386 12.86 2.04 14.74
C ILE A 386 11.65 2.59 15.49
N THR A 387 11.88 3.70 16.14
CA THR A 387 10.90 4.35 16.97
C THR A 387 9.66 4.68 16.12
N ASP A 388 9.93 5.11 14.87
CA ASP A 388 8.89 5.53 13.95
C ASP A 388 8.38 4.32 13.19
N SER A 389 7.66 3.45 13.90
CA SER A 389 7.03 2.32 13.23
C SER A 389 5.69 2.04 13.89
N ALA A 390 4.64 1.86 13.09
CA ALA A 390 3.28 1.66 13.61
C ALA A 390 2.53 0.68 12.76
N ALA A 391 1.59 -0.02 13.38
CA ALA A 391 0.64 -0.80 12.61
C ALA A 391 -0.28 0.11 11.70
N ILE A 392 -0.73 1.22 12.28
CA ILE A 392 -1.44 2.30 11.55
C ILE A 392 -0.95 3.61 12.05
N THR A 393 -0.59 4.47 11.11
CA THR A 393 -0.52 5.87 11.32
C THR A 393 -1.77 6.54 10.80
N LEU A 394 -2.59 7.04 11.69
CA LEU A 394 -3.93 7.56 11.39
C LEU A 394 -3.87 9.06 11.41
N ARG A 395 -3.63 9.65 10.24
CA ARG A 395 -3.22 11.08 10.18
C ARG A 395 -4.26 12.02 9.54
N ALA A 396 -5.37 11.43 9.09
CA ALA A 396 -6.43 12.17 8.44
C ALA A 396 -7.72 11.50 8.83
N ASN A 397 -8.81 12.20 8.55
CA ASN A 397 -10.14 11.70 8.89
C ASN A 397 -10.39 10.28 8.36
N LEU A 398 -10.95 9.44 9.21
CA LEU A 398 -11.19 8.03 8.88
C LEU A 398 -12.62 7.69 9.17
N ASN A 399 -13.34 7.16 8.18
CA ASN A 399 -14.72 6.74 8.39
C ASN A 399 -14.91 5.25 8.62
N GLY A 400 -13.85 4.47 8.51
CA GLY A 400 -13.83 3.09 9.01
C GLY A 400 -12.66 2.31 8.57
N CYS A 401 -12.11 1.47 9.44
CA CYS A 401 -11.10 0.51 9.06
C CYS A 401 -11.11 -0.59 10.10
N THR A 402 -11.12 -1.84 9.66
CA THR A 402 -11.25 -3.05 10.48
C THR A 402 -9.95 -3.86 10.44
N PHE A 403 -9.43 -4.21 11.61
CA PHE A 403 -8.24 -5.06 11.73
C PHE A 403 -8.63 -6.33 12.42
N ILE A 404 -8.43 -7.48 11.75
CA ILE A 404 -8.68 -8.77 12.34
C ILE A 404 -7.48 -9.68 12.05
N ALA A 405 -7.02 -10.38 13.08
CA ALA A 405 -6.11 -11.52 12.94
C ALA A 405 -4.89 -11.17 12.14
N ASN A 406 -4.30 -10.03 12.52
CA ASN A 406 -2.94 -9.69 12.06
C ASN A 406 -1.92 -9.96 13.13
N ASN A 407 -0.67 -9.87 12.76
CA ASN A 407 0.46 -9.99 13.68
C ASN A 407 1.33 -8.75 13.48
N PHE A 408 1.31 -7.79 14.40
CA PHE A 408 2.03 -6.55 14.26
C PHE A 408 3.16 -6.49 15.30
N ASP A 409 4.40 -6.39 14.81
CA ASP A 409 5.55 -6.39 15.68
C ASP A 409 6.39 -5.17 15.39
N CYS A 410 5.98 -4.07 16.01
CA CYS A 410 6.58 -2.74 15.80
C CYS A 410 6.39 -1.83 16.99
N ARG A 411 6.84 -0.58 16.91
CA ARG A 411 6.84 0.29 18.13
C ARG A 411 5.44 0.62 18.65
N TYR A 412 4.64 1.16 17.76
CA TYR A 412 3.22 1.55 18.02
C TYR A 412 2.26 0.59 17.35
N MET A 413 1.08 0.44 17.96
CA MET A 413 -0.10 -0.14 17.24
C MET A 413 -0.84 0.95 16.48
N VAL A 414 -1.44 1.86 17.18
CA VAL A 414 -2.15 3.03 16.61
C VAL A 414 -1.33 4.27 16.97
N TYR A 415 -1.06 5.13 16.00
CA TYR A 415 -0.28 6.35 16.25
C TYR A 415 -0.75 7.50 15.41
N ASN A 416 -0.72 8.69 16.00
CA ASN A 416 -0.73 9.94 15.27
C ASN A 416 0.11 10.88 16.08
N ALA A 417 0.83 11.82 15.44
CA ALA A 417 1.71 12.71 16.18
C ALA A 417 0.88 13.76 16.88
N PRO A 418 1.24 14.05 18.15
CA PRO A 418 0.51 15.06 18.88
C PRO A 418 0.87 16.42 18.32
N GLY A 419 -0.02 17.37 18.51
CA GLY A 419 0.19 18.73 17.99
C GLY A 419 0.33 18.76 16.47
N THR A 420 -0.24 17.74 15.77
CA THR A 420 -0.26 17.80 14.28
C THR A 420 -1.70 17.97 13.83
N THR A 421 -2.16 16.99 13.08
CA THR A 421 -3.53 16.91 12.65
C THR A 421 -4.31 16.33 13.84
N SER A 422 -5.60 16.60 13.82
CA SER A 422 -6.51 16.01 14.76
C SER A 422 -7.62 15.40 13.94
N PRO A 423 -7.38 14.16 13.52
CA PRO A 423 -8.37 13.43 12.79
C PRO A 423 -9.64 13.13 13.53
N VAL A 424 -10.74 13.17 12.80
CA VAL A 424 -12.06 12.63 13.23
C VAL A 424 -12.15 11.16 12.90
N VAL A 425 -12.25 10.31 13.88
CA VAL A 425 -12.20 8.88 13.68
C VAL A 425 -13.53 8.22 13.92
N GLN A 426 -14.07 7.42 12.97
CA GLN A 426 -15.27 6.65 13.18
C GLN A 426 -14.97 5.18 12.75
N ASN A 427 -15.53 4.23 13.43
CA ASN A 427 -15.57 2.82 13.01
C ASN A 427 -14.14 2.25 12.88
N LEU A 428 -13.24 2.63 13.80
CA LEU A 428 -11.91 2.00 13.85
C LEU A 428 -12.12 0.72 14.68
N VAL A 429 -11.90 -0.48 14.13
CA VAL A 429 -12.15 -1.70 14.82
C VAL A 429 -10.79 -2.45 14.90
N TRP A 430 -10.30 -2.68 16.12
CA TRP A 430 -9.06 -3.45 16.41
C TRP A 430 -9.52 -4.67 17.22
N ASP A 431 -9.73 -5.79 16.56
CA ASP A 431 -10.16 -7.00 17.18
C ASP A 431 -9.10 -7.62 18.09
N LYS A 432 -9.58 -8.29 19.12
CA LYS A 432 -8.68 -9.04 20.05
C LYS A 432 -7.73 -10.04 19.42
N SER A 433 -8.05 -10.47 18.19
CA SER A 433 -7.31 -11.51 17.50
C SER A 433 -6.02 -10.94 16.89
N ASN A 434 -5.83 -9.62 16.92
CA ASN A 434 -4.54 -9.04 16.52
C ASN A 434 -3.49 -9.25 17.54
N VAL A 435 -2.40 -9.91 17.16
CA VAL A 435 -1.30 -10.29 18.01
C VAL A 435 -0.25 -9.23 17.95
N ILE A 436 0.11 -8.69 19.13
CA ILE A 436 1.07 -7.61 19.31
C ILE A 436 2.40 -8.25 19.68
N GLY A 437 3.39 -8.09 18.80
CA GLY A 437 4.71 -8.72 19.05
C GLY A 437 5.56 -8.04 20.09
N GLY A 438 6.68 -8.66 20.41
CA GLY A 438 7.53 -8.13 21.45
C GLY A 438 8.90 -7.59 21.10
N THR A 439 9.18 -7.38 19.83
CA THR A 439 10.48 -6.92 19.41
C THR A 439 10.79 -5.59 20.13
N HIS A 440 9.81 -4.68 20.30
CA HIS A 440 10.07 -3.35 20.86
C HIS A 440 9.90 -3.34 22.40
N ALA A 441 9.74 -4.50 23.06
CA ALA A 441 9.69 -4.51 24.53
C ALA A 441 10.94 -3.85 25.08
N ASN A 442 10.73 -3.02 26.10
CA ASN A 442 11.79 -2.26 26.77
C ASN A 442 12.25 -1.06 26.04
N GLN A 443 11.69 -0.74 24.87
CA GLN A 443 12.10 0.45 24.14
C GLN A 443 11.12 1.61 24.26
N ARG A 444 10.02 1.41 25.01
CA ARG A 444 8.88 2.29 24.95
C ARG A 444 8.78 3.35 26.07
N ALA A 445 9.90 3.67 26.73
CA ALA A 445 9.87 4.74 27.73
C ALA A 445 9.15 5.96 27.16
N GLY A 446 8.21 6.47 27.96
CA GLY A 446 7.52 7.67 27.57
C GLY A 446 6.45 7.58 26.51
N GLN A 447 6.21 6.38 26.04
N GLN A 447 6.20 6.39 26.01
CA GLN A 447 5.38 6.06 24.86
CA GLN A 447 5.33 6.19 24.85
C GLN A 447 4.10 5.29 25.20
C GLN A 447 4.12 5.30 25.16
N ASN A 448 3.02 5.59 24.46
CA ASN A 448 1.78 4.87 24.55
C ASN A 448 1.64 3.92 23.40
N LEU A 449 1.40 2.63 23.68
CA LEU A 449 1.29 1.66 22.59
C LEU A 449 0.25 2.03 21.54
N PHE A 450 -0.93 2.43 22.02
CA PHE A 450 -2.01 2.98 21.25
C PHE A 450 -2.09 4.44 21.64
N ASP A 451 -1.64 5.35 20.78
CA ASP A 451 -1.48 6.78 21.15
C ASP A 451 -2.59 7.53 20.41
N MET A 452 -3.73 7.71 21.10
CA MET A 452 -5.02 8.13 20.40
C MET A 452 -5.11 9.67 20.22
N GLN A 453 -4.20 10.17 19.39
CA GLN A 453 -4.03 11.67 19.22
C GLN A 453 -4.95 12.17 18.13
N PHE A 454 -6.24 12.12 18.48
CA PHE A 454 -7.33 12.41 17.54
C PHE A 454 -8.24 13.53 18.08
N ALA A 455 -8.99 14.18 17.21
CA ALA A 455 -10.07 15.05 17.65
C ALA A 455 -11.17 14.32 18.38
N SER A 456 -11.54 13.17 17.85
CA SER A 456 -12.61 12.39 18.43
C SER A 456 -12.55 10.98 17.88
N VAL A 457 -13.12 10.05 18.65
CA VAL A 457 -13.27 8.65 18.32
C VAL A 457 -14.68 8.22 18.64
N VAL A 458 -15.36 7.63 17.68
CA VAL A 458 -16.74 7.12 17.84
C VAL A 458 -16.92 5.80 17.15
N ASN A 459 -17.76 4.95 17.70
CA ASN A 459 -18.11 3.68 17.08
C ASN A 459 -16.88 2.86 16.81
N SER A 460 -15.97 2.90 17.79
CA SER A 460 -14.68 2.22 17.64
C SER A 460 -14.47 1.18 18.71
N THR A 461 -13.61 0.24 18.37
CA THR A 461 -13.31 -0.89 19.23
C THR A 461 -11.80 -1.00 19.31
N ILE A 462 -11.24 -1.03 20.49
CA ILE A 462 -9.79 -1.35 20.65
C ILE A 462 -9.70 -2.42 21.72
N GLU A 463 -9.43 -3.67 21.32
CA GLU A 463 -9.25 -4.76 22.30
C GLU A 463 -7.77 -5.11 22.38
N VAL A 464 -7.09 -4.54 23.35
CA VAL A 464 -5.63 -4.73 23.55
C VAL A 464 -5.39 -6.09 24.14
N GLN A 465 -4.50 -6.86 23.52
CA GLN A 465 -4.03 -8.10 24.10
C GLN A 465 -2.51 -8.14 23.96
N LEU A 466 -1.80 -8.09 25.06
CA LEU A 466 -0.33 -8.29 25.01
C LEU A 466 -0.04 -9.78 24.91
N SER A 467 1.16 -10.11 24.42
N SER A 467 1.17 -10.08 24.43
CA SER A 467 1.68 -11.50 24.49
CA SER A 467 1.70 -11.45 24.37
C SER A 467 3.03 -11.59 25.17
C SER A 467 3.04 -11.58 25.11
N CYS A 468 3.50 -10.48 25.74
CA CYS A 468 4.73 -10.51 26.58
C CYS A 468 4.70 -9.20 27.37
N GLU A 469 5.60 -9.07 28.32
CA GLU A 469 5.62 -7.89 29.12
C GLU A 469 6.38 -6.78 28.41
N ASP A 470 5.96 -5.54 28.60
CA ASP A 470 6.78 -4.42 28.28
C ASP A 470 6.48 -3.32 29.32
N LEU A 471 7.27 -3.32 30.39
CA LEU A 471 7.01 -2.42 31.48
C LEU A 471 7.62 -1.05 31.19
N SER A 472 8.29 -0.90 30.05
CA SER A 472 8.89 0.40 29.71
C SER A 472 7.81 1.40 29.23
N MET A 473 6.72 0.91 28.68
CA MET A 473 5.72 1.79 28.10
C MET A 473 4.98 2.57 29.16
N PHE A 474 4.61 3.82 28.79
CA PHE A 474 3.86 4.62 29.69
C PHE A 474 2.45 4.04 29.93
N SER A 475 1.81 3.60 28.88
CA SER A 475 0.46 3.02 28.93
C SER A 475 0.27 2.12 27.74
N CYS A 476 -0.72 1.23 27.82
CA CYS A 476 -1.16 0.48 26.65
C CYS A 476 -1.97 1.34 25.72
N ILE A 477 -2.83 2.22 26.24
CA ILE A 477 -3.69 3.04 25.42
C ILE A 477 -3.87 4.37 26.14
N LEU A 478 -3.75 5.50 25.49
CA LEU A 478 -3.97 6.80 26.08
C LEU A 478 -4.77 7.69 25.17
N PHE A 479 -5.78 8.29 25.77
CA PHE A 479 -6.60 9.34 25.15
C PHE A 479 -6.27 10.72 25.78
N PRO A 480 -5.74 11.66 25.03
CA PRO A 480 -5.57 13.03 25.58
C PRO A 480 -6.97 13.63 25.86
N ALA A 481 -7.01 14.68 26.68
CA ALA A 481 -8.30 15.28 27.08
C ALA A 481 -8.98 15.93 25.88
N SER A 482 -8.20 16.30 24.90
CA SER A 482 -8.74 16.88 23.70
C SER A 482 -9.48 15.87 22.80
N CYS A 483 -9.34 14.56 22.97
CA CYS A 483 -10.02 13.62 22.14
C CYS A 483 -11.34 13.20 22.76
N GLN A 484 -12.43 13.51 22.10
CA GLN A 484 -13.70 13.04 22.60
C GLN A 484 -13.78 11.55 22.30
N LEU A 485 -14.45 10.83 23.15
CA LEU A 485 -14.64 9.39 22.97
C LEU A 485 -16.09 9.05 23.32
N SER A 486 -16.76 8.32 22.43
CA SER A 486 -18.18 8.01 22.67
C SER A 486 -18.54 6.74 21.91
N TYR A 487 -19.58 6.04 22.37
CA TYR A 487 -20.08 4.84 21.64
C TYR A 487 -18.92 3.95 21.16
N SER A 488 -18.07 3.59 22.11
CA SER A 488 -16.87 2.82 21.84
C SER A 488 -16.62 1.81 22.87
N LYS A 489 -15.79 0.81 22.54
CA LYS A 489 -15.37 -0.28 23.42
C LYS A 489 -13.84 -0.34 23.51
N ILE A 490 -13.27 -0.17 24.70
CA ILE A 490 -11.84 -0.12 24.90
C ILE A 490 -11.52 -1.09 26.02
N THR A 491 -10.77 -2.17 25.73
CA THR A 491 -10.40 -3.15 26.74
C THR A 491 -8.96 -3.42 26.70
N VAL A 492 -8.42 -3.76 27.90
CA VAL A 492 -7.00 -4.12 28.07
C VAL A 492 -7.08 -5.45 28.80
N ASP A 493 -6.70 -6.53 28.12
CA ASP A 493 -6.60 -7.84 28.75
C ASP A 493 -5.53 -7.78 29.87
N SER A 494 -5.79 -8.51 30.97
CA SER A 494 -4.84 -8.41 32.05
C SER A 494 -3.52 -9.13 31.85
N ALA A 495 -3.42 -10.04 30.89
CA ALA A 495 -2.17 -10.84 30.82
C ALA A 495 -0.97 -9.93 30.54
N TRP A 496 0.12 -10.19 31.23
CA TRP A 496 1.39 -9.46 31.18
C TRP A 496 1.27 -8.01 31.68
N THR A 497 0.15 -7.69 32.34
CA THR A 497 -0.04 -6.27 32.86
C THR A 497 0.07 -6.12 34.35
N LYS A 498 0.41 -7.15 35.13
CA LYS A 498 0.31 -7.01 36.61
C LYS A 498 1.15 -5.91 37.17
N SER A 499 2.28 -5.70 36.56
CA SER A 499 3.27 -4.75 37.07
C SER A 499 3.17 -3.37 36.44
N MET A 500 2.25 -3.14 35.57
CA MET A 500 2.14 -1.85 34.91
C MET A 500 1.43 -0.81 35.78
N SER A 501 2.05 0.38 35.92
CA SER A 501 1.37 1.45 36.68
C SER A 501 0.17 2.02 36.00
N ASN A 502 0.27 2.10 34.67
CA ASN A 502 -0.87 2.57 33.90
C ASN A 502 -1.14 1.55 32.80
N THR A 503 -2.41 1.23 32.58
CA THR A 503 -2.80 0.37 31.49
C THR A 503 -3.56 1.19 30.47
N ALA A 504 -4.77 1.56 30.75
CA ALA A 504 -5.55 2.52 29.95
C ALA A 504 -5.58 3.85 30.67
N VAL A 505 -5.38 4.93 29.92
CA VAL A 505 -5.33 6.29 30.45
C VAL A 505 -6.30 7.16 29.66
N PHE A 506 -7.22 7.83 30.35
CA PHE A 506 -8.22 8.71 29.82
C PHE A 506 -8.00 10.07 30.42
N GLU A 507 -7.19 10.87 29.77
CA GLU A 507 -6.77 12.16 30.37
C GLU A 507 -7.89 13.19 30.59
N GLY A 508 -9.02 12.98 29.88
CA GLY A 508 -10.23 13.78 30.10
C GLY A 508 -11.37 13.03 30.80
N ASN A 509 -10.98 11.91 31.41
N ASN A 509 -11.06 11.92 31.46
CA ASN A 509 -11.88 10.99 32.08
CA ASN A 509 -12.09 11.13 32.14
C ASN A 509 -13.04 10.53 31.19
C ASN A 509 -13.12 10.57 31.16
N GLN A 510 -12.72 10.30 29.93
CA GLN A 510 -13.72 9.99 28.88
C GLN A 510 -14.36 8.63 29.02
N GLN A 511 -13.77 7.80 29.84
CA GLN A 511 -14.33 6.45 30.06
C GLN A 511 -15.63 6.54 30.83
N ALA A 512 -15.96 7.68 31.40
CA ALA A 512 -17.23 7.88 32.07
C ALA A 512 -18.44 8.10 31.15
N GLY A 513 -18.22 8.22 29.84
CA GLY A 513 -19.31 8.47 28.92
C GLY A 513 -20.37 7.41 29.00
N ALA A 514 -21.58 7.86 28.73
CA ALA A 514 -22.76 6.96 28.88
C ALA A 514 -22.69 5.73 28.01
N ASN A 515 -22.09 5.86 26.81
CA ASN A 515 -22.01 4.74 25.87
C ASN A 515 -20.56 4.33 25.60
N VAL A 516 -19.74 4.47 26.64
CA VAL A 516 -18.38 3.95 26.62
C VAL A 516 -18.36 2.68 27.42
N TYR A 517 -17.80 1.63 26.84
CA TYR A 517 -17.72 0.29 27.37
C TYR A 517 -16.27 -0.01 27.56
N VAL A 518 -15.76 -0.16 28.80
N VAL A 518 -15.80 -0.29 28.78
CA VAL A 518 -14.32 -0.32 28.99
CA VAL A 518 -14.38 -0.23 28.98
C VAL A 518 -14.04 -1.36 30.03
C VAL A 518 -13.97 -1.15 30.11
N SER A 519 -12.83 -1.86 30.00
CA SER A 519 -12.32 -2.63 31.14
C SER A 519 -10.80 -2.57 31.10
N TYR A 520 -10.17 -2.45 32.24
CA TYR A 520 -8.70 -2.45 32.30
C TYR A 520 -8.27 -2.65 33.73
N PRO A 521 -7.03 -3.19 33.94
CA PRO A 521 -6.54 -3.35 35.31
C PRO A 521 -6.08 -2.09 35.99
N ALA A 522 -6.21 -2.06 37.34
CA ALA A 522 -5.78 -0.95 38.15
C ALA A 522 -5.43 -1.49 39.54
N THR A 523 -4.56 -0.82 40.24
CA THR A 523 -4.32 -1.07 41.65
C THR A 523 -5.16 -0.17 42.51
N VAL A 524 -5.79 -0.75 43.51
CA VAL A 524 -6.75 -0.01 44.38
C VAL A 524 -6.47 -0.31 45.84
N ASN A 525 -6.37 0.74 46.64
CA ASN A 525 -6.27 0.64 48.09
C ASN A 525 -7.68 0.62 48.74
N LEU A 526 -7.89 -0.36 49.58
CA LEU A 526 -9.18 -0.56 50.24
C LEU A 526 -8.98 -0.61 51.76
N THR A 527 -10.00 -0.21 52.49
N THR A 527 -10.01 -0.21 52.48
CA THR A 527 -10.08 -0.30 53.95
CA THR A 527 -10.12 -0.44 53.93
C THR A 527 -11.44 -0.97 54.24
C THR A 527 -11.50 -0.87 54.35
N SER A 528 -11.53 -1.75 55.33
CA SER A 528 -12.81 -2.33 55.77
C SER A 528 -13.28 -1.70 57.03
N TYR A 529 -14.54 -1.92 57.38
CA TYR A 529 -15.03 -1.76 58.69
C TYR A 529 -14.53 -2.80 59.64
N ASN A 530 -14.74 -2.60 60.95
N ASN A 530 -14.77 -2.57 60.94
CA ASN A 530 -14.14 -3.54 61.93
CA ASN A 530 -14.22 -3.43 62.00
C ASN A 530 -14.98 -4.78 62.21
C ASN A 530 -14.94 -4.78 62.12
N THR A 531 -16.20 -4.83 61.73
CA THR A 531 -17.12 -5.93 62.12
C THR A 531 -16.58 -7.30 61.80
N GLN A 532 -16.74 -8.19 62.73
CA GLN A 532 -16.56 -9.61 62.51
C GLN A 532 -17.63 -10.14 61.60
N GLY A 533 -17.25 -11.06 60.72
CA GLY A 533 -18.21 -11.63 59.81
C GLY A 533 -18.22 -10.96 58.47
N ALA A 534 -19.33 -11.03 57.73
CA ALA A 534 -19.43 -10.34 56.46
C ALA A 534 -19.27 -8.84 56.67
N VAL A 535 -18.31 -8.26 55.95
CA VAL A 535 -17.86 -6.90 56.25
C VAL A 535 -17.53 -6.18 54.97
N PRO A 536 -17.99 -4.88 54.89
CA PRO A 536 -17.64 -4.15 53.67
C PRO A 536 -16.20 -3.64 53.58
N PHE A 537 -15.69 -3.62 52.36
CA PHE A 537 -14.41 -2.97 52.05
C PHE A 537 -14.69 -1.81 51.08
N PHE A 538 -14.00 -0.69 51.26
CA PHE A 538 -14.27 0.53 50.48
C PHE A 538 -12.97 1.09 49.96
N SER A 539 -12.94 1.56 48.71
CA SER A 539 -11.72 2.18 48.22
C SER A 539 -11.43 3.49 48.97
N THR A 540 -10.14 3.76 49.14
N THR A 540 -10.14 3.77 49.15
CA THR A 540 -9.75 5.02 49.79
CA THR A 540 -9.73 5.07 49.70
C THR A 540 -9.87 6.22 48.82
C THR A 540 -10.08 6.23 48.74
N ASP A 541 -9.73 5.99 47.51
CA ASP A 541 -9.90 6.99 46.49
C ASP A 541 -11.32 6.99 46.02
N THR A 542 -11.69 8.11 45.42
CA THR A 542 -13.07 8.36 44.99
C THR A 542 -13.18 8.59 43.49
N ASN A 543 -12.34 7.94 42.69
N ASN A 543 -12.35 7.83 42.75
CA ASN A 543 -12.32 8.21 41.24
CA ASN A 543 -12.09 7.88 41.29
C ASN A 543 -12.98 7.11 40.42
C ASN A 543 -12.79 6.78 40.50
N TYR A 544 -13.91 6.33 41.04
CA TYR A 544 -14.56 5.15 40.45
C TYR A 544 -16.03 5.29 40.29
N ALA A 545 -16.52 6.54 40.12
CA ALA A 545 -17.97 6.69 39.90
C ALA A 545 -18.51 6.10 38.58
N TRP A 546 -17.61 5.79 37.68
CA TRP A 546 -17.88 5.25 36.33
C TRP A 546 -17.86 3.72 36.31
N VAL A 547 -17.39 3.09 37.40
CA VAL A 547 -17.21 1.66 37.40
C VAL A 547 -18.52 0.92 37.63
N THR A 548 -18.86 -0.08 36.83
CA THR A 548 -20.03 -0.90 37.02
C THR A 548 -19.76 -2.19 37.82
N SER A 549 -18.55 -2.71 37.69
CA SER A 549 -18.13 -3.82 38.54
C SER A 549 -16.60 -3.90 38.49
N ALA A 550 -16.01 -4.57 39.47
CA ALA A 550 -14.60 -4.82 39.45
C ALA A 550 -14.40 -6.17 40.09
N TYR A 551 -13.31 -6.85 39.78
CA TYR A 551 -12.99 -8.09 40.43
C TYR A 551 -11.52 -8.29 40.66
N SER A 552 -11.23 -9.07 41.68
CA SER A 552 -9.83 -9.31 42.09
C SER A 552 -8.96 -10.01 41.11
N LEU A 553 -7.75 -9.47 40.92
CA LEU A 553 -6.71 -10.04 40.12
C LEU A 553 -5.48 -10.48 41.00
N SER A 554 -5.66 -10.39 42.34
CA SER A 554 -4.65 -10.60 43.35
C SER A 554 -5.00 -11.74 44.27
N ILE A 555 -4.00 -12.48 44.69
CA ILE A 555 -4.23 -13.47 45.75
C ILE A 555 -4.37 -12.79 47.10
N ASN A 556 -4.96 -13.50 48.06
CA ASN A 556 -5.14 -13.02 49.44
C ASN A 556 -4.21 -13.78 50.38
N GLU A 557 -3.16 -13.10 50.85
CA GLU A 557 -2.13 -13.72 51.68
C GLU A 557 -2.60 -13.95 53.14
N ASN A 558 -3.79 -13.50 53.48
CA ASN A 558 -4.32 -13.55 54.87
C ASN A 558 -5.06 -14.81 55.19
N LEU A 559 -4.97 -15.25 56.44
CA LEU A 559 -5.86 -16.28 56.97
C LEU A 559 -7.10 -15.71 57.62
N ASP A 560 -6.95 -14.61 58.35
CA ASP A 560 -8.02 -14.14 59.26
C ASP A 560 -9.12 -13.37 58.57
N PHE A 561 -8.95 -13.02 57.32
CA PHE A 561 -9.98 -12.30 56.56
C PHE A 561 -9.75 -12.50 55.08
N SER A 562 -10.73 -12.04 54.31
CA SER A 562 -10.59 -11.99 52.86
C SER A 562 -11.27 -10.69 52.38
N PRO A 563 -10.64 -10.03 51.41
CA PRO A 563 -11.35 -8.93 50.76
C PRO A 563 -12.40 -9.48 49.87
N PRO A 564 -13.30 -8.62 49.36
CA PRO A 564 -14.33 -9.05 48.43
C PRO A 564 -13.67 -9.61 47.14
N ALA A 565 -14.26 -10.62 46.55
CA ALA A 565 -13.87 -10.99 45.24
C ALA A 565 -14.35 -9.99 44.18
N THR A 566 -15.51 -9.42 44.37
CA THR A 566 -16.09 -8.48 43.42
C THR A 566 -16.65 -7.22 44.10
N TYR A 567 -16.72 -6.13 43.34
CA TYR A 567 -17.03 -4.84 43.85
C TYR A 567 -18.00 -4.13 42.93
N THR A 568 -18.88 -3.29 43.49
N THR A 568 -18.79 -3.23 43.48
CA THR A 568 -19.63 -2.27 42.75
CA THR A 568 -19.44 -2.26 42.67
C THR A 568 -19.08 -0.93 43.15
C THR A 568 -19.13 -0.89 43.25
N ASN A 569 -19.78 0.16 42.80
CA ASN A 569 -19.45 1.47 43.23
C ASN A 569 -20.53 2.11 44.10
N LYS A 570 -20.24 3.35 44.53
CA LYS A 570 -21.16 4.23 45.29
C LYS A 570 -21.12 5.60 44.66
N ALA A 571 -22.13 6.37 45.00
CA ALA A 571 -22.31 7.68 44.38
C ALA A 571 -21.12 8.63 44.55
N ASN A 572 -20.35 8.42 45.58
CA ASN A 572 -19.21 9.32 45.86
C ASN A 572 -18.00 8.89 45.14
N GLY A 573 -18.10 7.84 44.36
CA GLY A 573 -16.97 7.39 43.54
C GLY A 573 -16.10 6.35 44.21
N GLN A 574 -16.43 5.92 45.45
CA GLN A 574 -15.79 4.74 45.99
C GLN A 574 -16.25 3.43 45.36
N LEU A 575 -15.37 2.49 45.37
CA LEU A 575 -15.72 1.07 45.18
C LEU A 575 -16.13 0.52 46.54
N VAL A 576 -17.01 -0.47 46.48
CA VAL A 576 -17.48 -1.18 47.66
C VAL A 576 -17.75 -2.63 47.33
N GLY A 577 -17.36 -3.49 48.26
CA GLY A 577 -17.68 -4.92 48.17
C GLY A 577 -17.76 -5.58 49.51
N VAL A 578 -18.31 -6.78 49.57
CA VAL A 578 -18.51 -7.51 50.83
C VAL A 578 -17.53 -8.65 50.96
N GLY A 579 -16.61 -8.48 51.91
CA GLY A 579 -15.65 -9.52 52.24
C GLY A 579 -15.99 -10.19 53.55
N TYR A 580 -15.00 -10.88 54.16
CA TYR A 580 -15.29 -11.68 55.32
C TYR A 580 -14.17 -11.56 56.35
N ASN A 581 -14.56 -11.13 57.54
CA ASN A 581 -13.62 -11.05 58.67
C ASN A 581 -13.86 -12.30 59.57
N GLU A 582 -12.96 -13.30 59.54
CA GLU A 582 -13.11 -14.42 60.44
C GLU A 582 -12.99 -13.97 61.89
N ILE A 583 -12.05 -13.05 62.08
CA ILE A 583 -11.91 -12.27 63.30
C ILE A 583 -12.09 -10.82 62.90
N GLY A 584 -12.62 -10.04 63.82
CA GLY A 584 -12.80 -8.63 63.57
C GLY A 584 -11.54 -7.85 63.49
N GLY A 585 -11.70 -6.64 63.03
CA GLY A 585 -10.66 -5.68 62.91
C GLY A 585 -10.72 -4.89 61.60
N VAL A 586 -10.35 -3.61 61.61
CA VAL A 586 -10.23 -2.79 60.43
C VAL A 586 -9.09 -3.37 59.59
N ARG A 587 -9.34 -3.60 58.30
CA ARG A 587 -8.34 -4.15 57.38
C ARG A 587 -7.99 -3.12 56.34
N SER A 588 -6.75 -3.15 55.85
N SER A 588 -6.75 -3.17 55.88
CA SER A 588 -6.24 -2.25 54.86
CA SER A 588 -6.25 -2.37 54.83
C SER A 588 -5.37 -3.02 53.87
C SER A 588 -5.49 -3.23 53.87
N VAL A 589 -5.82 -3.10 52.61
CA VAL A 589 -5.16 -3.87 51.57
C VAL A 589 -4.99 -3.09 50.30
N SER A 590 -3.99 -3.46 49.53
N SER A 590 -4.02 -3.48 49.50
CA SER A 590 -3.79 -3.00 48.17
CA SER A 590 -3.78 -2.91 48.17
C SER A 590 -4.02 -4.20 47.26
C SER A 590 -3.85 -4.05 47.13
N VAL A 591 -4.88 -4.01 46.28
CA VAL A 591 -5.25 -5.14 45.44
C VAL A 591 -5.24 -4.70 43.96
N ARG A 592 -4.90 -5.64 43.12
CA ARG A 592 -4.97 -5.45 41.65
C ARG A 592 -6.38 -5.86 41.26
N LEU A 593 -7.15 -4.98 40.65
CA LEU A 593 -8.50 -5.25 40.19
C LEU A 593 -8.63 -5.08 38.70
N MET A 594 -9.57 -5.81 38.13
CA MET A 594 -10.05 -5.54 36.78
C MET A 594 -11.26 -4.61 36.91
N LEU A 595 -11.08 -3.36 36.49
CA LEU A 595 -12.18 -2.42 36.50
C LEU A 595 -12.99 -2.54 35.27
N GLN A 596 -14.31 -2.57 35.41
CA GLN A 596 -15.21 -2.75 34.28
C GLN A 596 -16.31 -1.73 34.25
N ARG A 597 -16.61 -1.26 33.06
CA ARG A 597 -17.76 -0.38 32.82
C ARG A 597 -18.55 -0.87 31.68
N GLN A 598 -19.78 -1.38 32.02
CA GLN A 598 -20.83 -1.83 31.13
C GLN A 598 -20.45 -3.06 30.32
N VAL A 599 -19.35 -3.72 30.76
CA VAL A 599 -18.90 -5.01 30.19
C VAL A 599 -18.65 -6.01 31.28
C1 NAG B . 2.14 9.65 -5.26
C2 NAG B . 1.88 9.88 -6.77
C3 NAG B . 0.93 11.07 -6.95
C4 NAG B . -0.38 10.78 -6.18
C5 NAG B . -0.09 10.30 -4.68
C6 NAG B . -1.33 9.75 -4.01
C7 NAG B . 3.49 9.46 -8.61
C8 NAG B . 4.86 9.60 -9.10
N2 NAG B . 3.14 10.04 -7.42
O1 NAG B . 3.05 8.63 -5.01
O3 NAG B . 0.66 11.35 -8.29
O4 NAG B . -1.32 11.83 -6.17
O5 NAG B . 0.94 9.35 -4.60
O6 NAG B . -1.73 8.54 -4.64
O7 NAG B . 2.69 8.72 -9.20
C1 NDG B . 2.03 9.76 -5.27
C2 NDG B . 1.88 9.88 -6.77
C3 NDG B . 0.93 11.07 -6.95
C4 NDG B . -0.38 10.78 -6.18
C5 NDG B . -0.09 10.30 -4.68
C6 NDG B . -1.33 9.75 -4.01
C7 NDG B . 3.49 9.46 -8.61
C8 NDG B . 4.86 9.60 -9.10
O5 NDG B . 0.94 9.35 -4.60
O3 NDG B . 0.66 11.35 -8.29
O4 NDG B . -1.32 11.83 -6.17
O6 NDG B . -1.73 8.54 -4.64
O7 NDG B . 2.69 8.72 -9.20
N2 NDG B . 3.14 10.04 -7.42
O1 NDG B . 2.90 10.50 -4.53
C1 GLA B . 0.48 12.74 -8.54
C2 GLA B . -0.37 12.85 -9.80
C3 GLA B . 0.36 12.24 -11.04
C4 GLA B . 1.76 12.81 -11.17
C5 GLA B . 2.48 12.68 -9.85
C6 GLA B . 3.88 13.26 -9.88
O2 GLA B . -1.64 12.25 -9.56
O3 GLA B . -0.51 12.51 -12.14
O4 GLA B . 1.69 14.26 -11.49
O5 GLA B . 1.76 13.26 -8.75
O6 GLA B . 4.58 12.67 -10.95
C1 GLC B . 2.54 14.56 -12.61
C2 GLC B . 2.59 16.09 -12.65
C3 GLC B . 1.24 16.70 -13.03
C4 GLC B . 0.79 16.15 -14.35
C5 GLC B . 0.65 14.60 -14.16
C6 GLC B . 0.18 13.84 -15.39
O2 GLC B . 3.05 16.61 -11.40
O3 GLC B . 1.51 18.11 -13.23
O4 GLC B . -0.46 16.68 -14.69
O5 GLC B . 1.96 14.09 -13.81
O6 GLC B . 1.08 14.14 -16.52
C1 RAM B . 0.33 14.79 -17.57
C2 RAM B . 1.39 15.23 -18.57
C3 RAM B . 1.88 14.03 -19.36
C4 RAM B . 0.78 13.15 -19.86
C5 RAM B . -0.14 12.70 -18.71
C6 RAM B . -1.36 11.88 -19.16
O2 RAM B . 0.76 16.12 -19.48
O3 RAM B . 2.65 14.46 -20.51
O4 RAM B . 1.38 12.04 -20.51
O5 RAM B . -0.70 13.92 -18.09
C1 NAG B . -1.27 11.41 -12.66
C2 NAG B . -2.47 11.98 -13.43
C3 NAG B . -3.14 10.88 -14.25
C4 NAG B . -2.14 9.92 -14.89
C5 NAG B . -1.09 9.48 -13.94
C6 NAG B . -0.11 8.56 -14.57
C7 NAG B . -3.61 13.87 -12.50
C8 NAG B . -4.56 14.36 -11.43
N2 NAG B . -3.37 12.59 -12.52
O3 NAG B . -3.98 11.46 -15.26
O4 NAG B . -2.87 8.80 -15.33
O5 NAG B . -0.38 10.61 -13.43
O6 NAG B . 0.65 9.15 -15.58
O7 NAG B . -3.09 14.61 -13.33
C TRS C . -24.46 7.26 17.35
C1 TRS C . -23.00 7.45 17.78
C2 TRS C . -24.54 7.07 15.81
C3 TRS C . -25.33 8.47 17.65
N TRS C . -24.91 6.01 18.00
O1 TRS C . -22.46 8.57 17.19
O2 TRS C . -23.73 5.96 15.33
O3 TRS C . -25.54 8.68 19.04
C FMT D . -2.81 -14.25 59.08
O1 FMT D . -1.99 -13.37 59.29
O2 FMT D . -3.98 -13.79 58.62
C FMT E . -9.08 -19.76 59.82
O1 FMT E . -9.36 -18.61 59.59
O2 FMT E . -8.91 -20.60 58.78
C FMT F . 22.71 -4.51 -31.18
O1 FMT F . 23.21 -3.56 -30.55
O2 FMT F . 23.13 -5.78 -31.02
C FMT G . -7.26 3.64 45.28
O1 FMT G . -5.97 3.44 45.43
O2 FMT G . -8.31 3.52 46.19
C FMT H . -2.07 -17.39 -48.47
O1 FMT H . -1.67 -18.52 -48.88
O2 FMT H . -1.83 -16.90 -47.25
NA NA I . 4.48 -14.14 14.82
NA NA J . -11.65 17.15 20.16
NA NA K . 1.91 16.41 -21.65
#